data_2FN1
#
_entry.id   2FN1
#
_cell.length_a   56.571
_cell.length_b   145.298
_cell.length_c   58.860
_cell.angle_alpha   90.00
_cell.angle_beta   108.39
_cell.angle_gamma   90.00
#
_symmetry.space_group_name_H-M   'P 1 21 1'
#
loop_
_entity.id
_entity.type
_entity.pdbx_description
1 polymer 'salicylate synthetase, Irp9'
2 non-polymer 'MAGNESIUM ION'
3 non-polymer 'PYRUVIC ACID'
4 non-polymer '2-HYDROXYBENZOIC ACID'
5 water water
#
_entity_poly.entity_id   1
_entity_poly.type   'polypeptide(L)'
_entity_poly.pdbx_seq_one_letter_code
;GSHMKISEFLHLALPEEQWLPTISGVLRQFAEEECYVYERPPCWYLGKGCQARLHINADGTQATFIDDAGEQKWAVDSIA
DCARRFMAHPQVKGRRVYGQVGFNFAAHARGIAFNAGEWPLLTLTVPREELIFEKGNVTVYADSADGCRRLCEWVKEAST
TTQNAPLAVDTALNGEAYKQQVARAVAEIRRGEYVKVIVSRAIPLPSRIDMPATLLYGRQANTPVRSFMFRQEGREALGF
SPELVMSVTGNKVVTEPLAGTRDRMGNPEHNKAKEAELLHDSKEVLEHILSVKEAIAELEAVCLPGSVVVEDLMSVRQRG
SVQHLGSGVSGQLAENKDAWDAFTVLFPSITASGIPKNAALNAIMQIEKTPRELYSGAILLLDDTRFDAALVLRSVFQDS
QRCWIQAGAGIIAQSTPERELTETREKLASIAPYLMV
;
_entity_poly.pdbx_strand_id   A,B
#
loop_
_chem_comp.id
_chem_comp.type
_chem_comp.name
_chem_comp.formula
MG non-polymer 'MAGNESIUM ION' 'Mg 2'
PYR non-polymer 'PYRUVIC ACID' 'C3 H4 O3'
SAL non-polymer '2-HYDROXYBENZOIC ACID' 'C7 H6 O3'
#
# COMPACT_ATOMS: atom_id res chain seq x y z
N LYS A 5 17.57 33.38 24.50
CA LYS A 5 17.67 34.87 24.32
C LYS A 5 18.07 35.23 22.88
N ILE A 6 17.10 35.79 22.13
CA ILE A 6 17.28 36.18 20.71
C ILE A 6 18.22 37.40 20.57
N SER A 7 19.42 37.17 20.06
CA SER A 7 20.45 38.22 19.96
C SER A 7 20.26 39.24 18.85
N GLU A 8 20.04 38.76 17.63
CA GLU A 8 19.81 39.61 16.48
C GLU A 8 18.62 39.08 15.67
N PHE A 9 18.18 39.85 14.69
CA PHE A 9 17.12 39.43 13.77
C PHE A 9 17.29 40.15 12.43
N LEU A 10 18.23 39.69 11.60
CA LEU A 10 18.50 40.30 10.28
C LEU A 10 17.56 39.78 9.19
N HIS A 11 16.96 40.70 8.43
CA HIS A 11 16.11 40.33 7.30
C HIS A 11 16.96 39.77 6.16
N GLU A 16 16.28 34.47 0.96
CA GLU A 16 16.30 33.01 1.10
C GLU A 16 17.44 32.38 0.27
N GLU A 17 17.66 32.90 -0.93
CA GLU A 17 18.79 32.51 -1.79
C GLU A 17 20.15 32.98 -1.20
N GLN A 18 20.08 33.77 -0.14
CA GLN A 18 21.24 34.15 0.62
C GLN A 18 21.45 33.25 1.84
N TRP A 19 20.47 32.38 2.11
CA TRP A 19 20.59 31.42 3.24
C TRP A 19 21.79 30.51 3.01
N LEU A 20 21.74 29.75 1.91
CA LEU A 20 22.85 28.89 1.46
C LEU A 20 24.23 29.47 1.71
N PRO A 21 24.58 30.55 0.96
CA PRO A 21 25.83 31.32 1.14
C PRO A 21 26.17 31.79 2.57
N THR A 22 25.15 32.16 3.35
CA THR A 22 25.37 32.66 4.71
C THR A 22 25.89 31.54 5.64
N ILE A 23 25.27 30.36 5.50
CA ILE A 23 25.61 29.15 6.25
C ILE A 23 27.05 28.74 5.95
N SER A 24 27.40 28.73 4.66
CA SER A 24 28.78 28.54 4.23
C SER A 24 29.74 29.53 4.92
N GLY A 25 29.35 30.81 4.88
CA GLY A 25 30.08 31.88 5.54
C GLY A 25 30.30 31.49 6.98
N VAL A 26 29.21 31.26 7.71
CA VAL A 26 29.26 30.87 9.11
C VAL A 26 30.22 29.70 9.34
N LEU A 27 30.12 28.66 8.50
CA LEU A 27 30.98 27.47 8.59
C LEU A 27 32.45 27.82 8.39
N ARG A 28 32.71 28.77 7.51
CA ARG A 28 34.07 29.27 7.25
C ARG A 28 34.50 30.34 8.26
N GLN A 29 33.68 31.39 8.40
CA GLN A 29 33.96 32.48 9.36
C GLN A 29 34.30 31.88 10.74
N PHE A 30 33.64 30.77 11.07
CA PHE A 30 33.85 30.06 12.33
C PHE A 30 34.30 28.59 12.14
N ALA A 31 35.08 28.35 11.09
CA ALA A 31 35.62 27.01 10.76
C ALA A 31 36.56 26.49 11.83
N GLU A 32 36.86 25.19 11.76
CA GLU A 32 37.66 24.52 12.79
C GLU A 32 37.05 24.61 14.17
N GLU A 33 35.74 24.90 14.22
CA GLU A 33 34.94 24.87 15.44
C GLU A 33 33.71 24.01 15.15
N GLU A 34 33.17 23.34 16.17
CA GLU A 34 32.10 22.35 15.96
C GLU A 34 30.77 22.98 15.54
N CYS A 35 30.23 22.48 14.43
CA CYS A 35 29.01 23.01 13.81
C CYS A 35 28.06 21.91 13.38
N TYR A 36 26.76 22.18 13.40
CA TYR A 36 25.73 21.21 12.96
C TYR A 36 24.72 22.01 12.18
N VAL A 37 24.51 21.62 10.93
CA VAL A 37 23.53 22.24 10.03
C VAL A 37 22.44 21.23 9.63
N TYR A 38 21.17 21.64 9.69
CA TYR A 38 20.09 20.78 9.32
C TYR A 38 19.05 21.56 8.54
N GLU A 39 18.66 21.02 7.38
CA GLU A 39 17.57 21.60 6.59
C GLU A 39 16.30 20.83 6.80
N ARG A 40 15.26 21.49 7.31
CA ARG A 40 13.92 20.94 7.33
C ARG A 40 13.04 22.08 6.85
N PRO A 41 12.76 22.08 5.53
CA PRO A 41 11.95 23.14 4.90
C PRO A 41 10.66 23.34 5.72
N PRO A 42 10.26 24.62 5.98
CA PRO A 42 10.77 25.86 5.37
C PRO A 42 11.97 26.51 6.09
N CYS A 43 12.71 25.73 6.88
CA CYS A 43 13.81 26.28 7.69
C CYS A 43 15.17 25.61 7.50
N TRP A 44 16.22 26.36 7.80
CA TRP A 44 17.52 25.79 8.04
C TRP A 44 17.90 26.04 9.53
N TYR A 45 18.61 25.08 10.11
CA TYR A 45 19.12 25.20 11.47
C TYR A 45 20.64 25.07 11.45
N LEU A 46 21.30 26.03 12.09
CA LEU A 46 22.74 25.94 12.30
C LEU A 46 23.05 26.08 13.80
N GLY A 47 23.66 25.04 14.36
CA GLY A 47 24.06 25.06 15.77
C GLY A 47 25.57 25.16 15.73
N LYS A 48 26.13 25.86 16.72
CA LYS A 48 27.57 26.03 16.81
C LYS A 48 28.02 25.84 18.25
N GLY A 49 29.18 25.23 18.41
CA GLY A 49 29.72 24.94 19.74
C GLY A 49 28.94 23.85 20.42
N CYS A 50 28.99 23.84 21.75
CA CYS A 50 28.53 22.70 22.56
C CYS A 50 28.37 23.12 24.01
N GLN A 51 27.12 23.22 24.45
CA GLN A 51 26.74 23.49 25.84
C GLN A 51 26.52 22.20 26.67
N ALA A 52 26.09 21.11 26.02
CA ALA A 52 25.93 19.82 26.70
C ALA A 52 26.03 18.75 25.62
N ARG A 53 26.60 17.59 25.96
CA ARG A 53 26.76 16.52 24.96
C ARG A 53 26.68 15.18 25.60
N LEU A 54 25.96 14.29 24.93
CA LEU A 54 26.09 12.88 25.18
C LEU A 54 26.84 12.25 24.03
N HIS A 55 27.92 11.53 24.37
CA HIS A 55 28.77 10.84 23.42
C HIS A 55 28.78 9.37 23.79
N ILE A 56 28.47 8.47 22.86
CA ILE A 56 28.57 7.00 23.11
C ILE A 56 29.69 6.56 22.20
N ASN A 57 30.68 5.81 22.70
CA ASN A 57 31.86 5.55 21.89
C ASN A 57 31.62 4.47 20.86
N ALA A 58 32.63 4.23 20.02
CA ALA A 58 32.46 3.34 18.84
C ALA A 58 32.03 1.93 19.16
N ASP A 59 32.40 1.36 20.31
CA ASP A 59 31.97 -0.01 20.65
C ASP A 59 30.85 -0.10 21.70
N GLY A 60 30.27 1.06 22.05
CA GLY A 60 29.16 1.13 23.01
C GLY A 60 29.53 0.68 24.42
N THR A 61 30.78 0.90 24.82
CA THR A 61 31.24 0.48 26.15
C THR A 61 31.37 1.67 27.18
N GLN A 62 31.35 2.89 26.65
CA GLN A 62 31.41 4.12 27.47
C GLN A 62 30.38 5.12 26.98
N ALA A 63 29.59 5.64 27.90
CA ALA A 63 28.75 6.82 27.71
C ALA A 63 29.30 7.99 28.51
N THR A 64 29.68 9.04 27.78
CA THR A 64 30.18 10.30 28.34
C THR A 64 29.21 11.47 28.17
N PHE A 65 28.86 12.08 29.28
CA PHE A 65 28.16 13.36 29.31
C PHE A 65 29.12 14.50 29.62
N ILE A 66 29.03 15.55 28.81
CA ILE A 66 29.78 16.79 29.06
C ILE A 66 28.91 18.01 29.07
N ASP A 67 29.03 18.82 30.12
CA ASP A 67 28.54 20.20 30.06
C ASP A 67 29.62 21.11 30.68
N ASP A 68 29.28 22.37 30.93
CA ASP A 68 30.24 23.37 31.46
C ASP A 68 30.89 22.98 32.79
N ALA A 69 30.16 22.22 33.61
CA ALA A 69 30.62 21.76 34.91
C ALA A 69 31.61 20.61 34.82
N GLY A 70 31.68 19.96 33.67
CA GLY A 70 32.63 18.91 33.47
C GLY A 70 32.12 17.70 32.72
N GLU A 71 32.91 16.64 32.82
CA GLU A 71 32.65 15.36 32.19
C GLU A 71 32.15 14.29 33.20
N GLN A 72 31.13 13.52 32.80
CA GLN A 72 30.62 12.45 33.62
C GLN A 72 30.63 11.19 32.79
N LYS A 73 30.75 10.04 33.44
CA LYS A 73 30.56 8.74 32.80
C LYS A 73 29.23 8.20 33.29
N TRP A 74 28.37 7.83 32.35
CA TRP A 74 27.04 7.36 32.66
C TRP A 74 26.97 5.90 32.35
N ALA A 75 26.20 5.14 33.13
CA ALA A 75 26.02 3.73 32.87
C ALA A 75 25.41 3.52 31.47
N VAL A 76 26.00 2.62 30.68
CA VAL A 76 25.68 2.50 29.26
C VAL A 76 25.12 1.12 28.92
N ASP A 77 24.37 0.54 29.88
CA ASP A 77 23.63 -0.73 29.69
C ASP A 77 22.58 -0.66 28.58
N SER A 78 22.05 0.55 28.38
CA SER A 78 21.06 0.83 27.32
C SER A 78 21.37 2.20 26.74
N ILE A 79 21.75 2.24 25.47
CA ILE A 79 22.04 3.55 24.83
C ILE A 79 20.77 4.45 24.80
N ALA A 80 19.62 3.82 24.57
CA ALA A 80 18.31 4.49 24.60
C ALA A 80 18.05 5.12 25.94
N ASP A 81 18.41 4.46 27.03
CA ASP A 81 18.21 5.06 28.38
C ASP A 81 19.17 6.22 28.61
N CYS A 82 20.40 6.10 28.12
CA CYS A 82 21.32 7.24 28.07
C CYS A 82 20.74 8.44 27.30
N ALA A 83 20.16 8.20 26.13
CA ALA A 83 19.52 9.27 25.29
C ALA A 83 18.35 9.90 26.03
N ARG A 84 17.50 9.07 26.66
CA ARG A 84 16.41 9.58 27.51
C ARG A 84 16.87 10.42 28.70
N ARG A 85 17.95 9.98 29.35
CA ARG A 85 18.56 10.71 30.45
C ARG A 85 19.11 12.05 30.03
N PHE A 86 19.76 12.08 28.85
CA PHE A 86 20.24 13.34 28.26
C PHE A 86 19.09 14.32 27.99
N MET A 87 18.02 13.83 27.35
CA MET A 87 16.93 14.70 26.95
C MET A 87 16.18 15.29 28.15
N ALA A 88 16.16 14.55 29.29
CA ALA A 88 15.53 14.98 30.54
C ALA A 88 16.46 15.86 31.39
N HIS A 89 17.75 15.93 31.04
CA HIS A 89 18.75 16.66 31.83
C HIS A 89 18.39 18.15 31.88
N PRO A 90 18.63 18.83 33.05
CA PRO A 90 18.41 20.28 33.17
C PRO A 90 19.14 21.19 32.15
N GLN A 91 20.32 20.79 31.70
CA GLN A 91 21.03 21.59 30.69
C GLN A 91 20.45 21.38 29.27
N VAL A 92 19.45 20.50 29.14
CA VAL A 92 19.03 20.08 27.82
C VAL A 92 17.55 20.39 27.57
N LYS A 93 16.71 20.09 28.56
CA LYS A 93 15.26 20.09 28.39
C LYS A 93 14.82 21.47 27.93
N GLY A 94 14.01 21.52 26.89
CA GLY A 94 13.56 22.79 26.29
C GLY A 94 14.47 23.35 25.19
N ARG A 95 15.55 22.64 24.87
CA ARG A 95 16.51 23.12 23.88
C ARG A 95 16.45 22.19 22.67
N ARG A 96 16.80 22.69 21.49
CA ARG A 96 16.92 21.85 20.31
C ARG A 96 18.24 21.07 20.42
N VAL A 97 18.16 19.77 20.08
CA VAL A 97 19.27 18.83 20.16
C VAL A 97 19.57 18.32 18.76
N TYR A 98 20.84 18.37 18.36
CA TYR A 98 21.35 17.88 17.07
C TYR A 98 22.05 16.55 17.33
N GLY A 99 21.65 15.51 16.62
CA GLY A 99 22.24 14.20 16.88
C GLY A 99 22.66 13.39 15.68
N GLN A 100 23.43 12.34 15.95
CA GLN A 100 23.84 11.44 14.90
C GLN A 100 23.89 10.04 15.49
N VAL A 101 23.53 9.05 14.68
CA VAL A 101 23.45 7.67 15.12
C VAL A 101 24.16 6.83 14.09
N GLY A 102 25.22 6.15 14.52
CA GLY A 102 25.97 5.33 13.61
C GLY A 102 25.28 4.03 13.34
N PHE A 103 25.65 3.43 12.22
CA PHE A 103 25.09 2.14 11.81
C PHE A 103 25.05 1.07 12.91
N ASN A 104 26.20 0.84 13.56
CA ASN A 104 26.30 -0.17 14.66
C ASN A 104 25.55 0.09 15.93
N PHE A 105 24.85 1.23 16.01
CA PHE A 105 23.88 1.43 17.07
C PHE A 105 22.86 0.28 17.04
N ALA A 106 22.47 -0.16 15.85
CA ALA A 106 21.49 -1.23 15.73
C ALA A 106 21.97 -2.55 16.39
N ALA A 107 23.16 -3.00 16.01
CA ALA A 107 23.74 -4.23 16.56
C ALA A 107 23.91 -4.11 18.08
N HIS A 108 24.43 -2.99 18.57
CA HIS A 108 24.52 -2.75 20.02
C HIS A 108 23.16 -2.87 20.73
N ALA A 109 22.16 -2.13 20.27
CA ALA A 109 20.81 -2.17 20.84
C ALA A 109 20.17 -3.57 20.73
N ARG A 110 20.60 -4.32 19.73
CA ARG A 110 19.97 -5.60 19.41
C ARG A 110 20.60 -6.83 20.08
N GLY A 111 21.70 -6.62 20.80
CA GLY A 111 22.48 -7.75 21.34
C GLY A 111 23.08 -8.60 20.25
N ILE A 112 23.38 -7.97 19.11
CA ILE A 112 24.10 -8.61 18.00
C ILE A 112 25.55 -8.19 18.13
N ALA A 113 26.47 -9.16 18.06
CA ALA A 113 27.91 -8.86 18.05
C ALA A 113 28.35 -8.13 16.76
N PHE A 114 29.34 -7.25 16.88
CA PHE A 114 29.74 -6.43 15.74
C PHE A 114 31.18 -6.03 15.88
N ASN A 115 31.84 -5.69 14.78
CA ASN A 115 33.16 -5.10 14.87
C ASN A 115 33.11 -3.59 14.84
N ALA A 116 33.62 -2.97 15.90
CA ALA A 116 33.51 -1.52 16.05
C ALA A 116 34.28 -0.79 14.98
N GLY A 117 33.69 0.28 14.46
CA GLY A 117 34.41 1.21 13.62
C GLY A 117 35.11 2.27 14.46
N GLU A 118 35.32 3.42 13.85
CA GLU A 118 36.04 4.54 14.49
C GLU A 118 35.13 5.64 15.01
N TRP A 119 33.96 5.77 14.41
CA TRP A 119 33.06 6.89 14.71
C TRP A 119 32.15 6.54 15.88
N PRO A 120 31.70 7.55 16.65
CA PRO A 120 30.74 7.33 17.76
C PRO A 120 29.45 6.62 17.34
N LEU A 121 28.90 5.80 18.23
CA LEU A 121 27.62 5.14 17.93
C LEU A 121 26.44 6.11 17.96
N LEU A 122 26.56 7.12 18.82
CA LEU A 122 25.52 8.12 19.03
C LEU A 122 26.16 9.33 19.67
N THR A 123 25.82 10.50 19.14
CA THR A 123 26.09 11.75 19.87
C THR A 123 24.82 12.60 19.88
N LEU A 124 24.63 13.36 20.96
CA LEU A 124 23.56 14.36 21.00
C LEU A 124 24.16 15.60 21.59
N THR A 125 23.96 16.72 20.90
CA THR A 125 24.51 18.02 21.29
C THR A 125 23.42 19.11 21.42
N VAL A 126 23.46 19.83 22.55
CA VAL A 126 22.89 21.18 22.66
C VAL A 126 24.00 22.17 22.31
N PRO A 127 23.82 22.96 21.23
CA PRO A 127 24.85 23.88 20.79
C PRO A 127 24.88 25.12 21.70
N ARG A 128 26.01 25.83 21.69
CA ARG A 128 26.12 27.05 22.48
C ARG A 128 25.38 28.18 21.77
N GLU A 129 25.49 28.23 20.45
CA GLU A 129 24.84 29.22 19.60
C GLU A 129 24.03 28.57 18.51
N GLU A 130 23.00 29.28 18.06
CA GLU A 130 22.06 28.77 17.08
C GLU A 130 21.52 29.86 16.13
N LEU A 131 21.65 29.66 14.82
CA LEU A 131 20.97 30.49 13.79
C LEU A 131 19.82 29.72 13.22
N ILE A 132 18.69 30.39 13.03
CA ILE A 132 17.52 29.80 12.40
C ILE A 132 17.08 30.67 11.22
N PHE A 133 17.04 30.07 10.03
CA PHE A 133 16.68 30.70 8.76
C PHE A 133 15.26 30.34 8.42
N GLU A 134 14.38 31.34 8.42
CA GLU A 134 12.96 31.19 8.14
C GLU A 134 12.33 32.54 7.79
N LYS A 135 11.40 32.54 6.84
CA LYS A 135 10.72 33.77 6.36
C LYS A 135 11.72 34.83 5.91
N GLY A 136 12.52 34.51 4.88
CA GLY A 136 13.60 35.38 4.41
C GLY A 136 14.35 36.19 5.47
N ASN A 137 14.49 35.60 6.67
CA ASN A 137 15.20 36.20 7.81
C ASN A 137 16.11 35.17 8.47
N VAL A 138 17.03 35.65 9.30
CA VAL A 138 17.78 34.81 10.21
C VAL A 138 17.62 35.32 11.64
N THR A 139 17.50 34.38 12.58
CA THR A 139 17.46 34.72 14.00
C THR A 139 18.63 34.06 14.71
N VAL A 140 19.37 34.86 15.45
CA VAL A 140 20.54 34.42 16.20
C VAL A 140 20.20 34.32 17.68
N TYR A 141 20.45 33.14 18.26
CA TYR A 141 20.25 32.91 19.69
C TYR A 141 21.60 32.57 20.31
N ALA A 142 21.84 33.06 21.54
CA ALA A 142 23.11 32.80 22.23
C ALA A 142 22.98 32.86 23.76
N ASP A 143 24.08 32.56 24.45
CA ASP A 143 24.10 32.48 25.92
C ASP A 143 24.24 33.85 26.58
N ALA A 165 36.15 24.58 -7.35
CA ALA A 165 36.91 23.51 -8.00
C ALA A 165 36.42 22.10 -7.63
N PRO A 166 35.47 21.54 -8.43
CA PRO A 166 34.97 20.17 -8.25
C PRO A 166 36.03 19.09 -8.47
N LEU A 167 35.88 17.92 -7.86
CA LEU A 167 36.79 16.83 -8.17
C LEU A 167 36.14 15.66 -8.88
N ALA A 168 36.89 15.09 -9.82
CA ALA A 168 36.45 13.92 -10.59
C ALA A 168 36.55 12.66 -9.73
N VAL A 169 35.50 11.85 -9.81
CA VAL A 169 35.38 10.61 -9.02
C VAL A 169 34.93 9.53 -9.99
N ASP A 170 35.74 8.49 -10.14
CA ASP A 170 35.39 7.35 -10.99
C ASP A 170 34.61 6.40 -10.12
N THR A 171 33.29 6.34 -10.33
CA THR A 171 32.43 5.46 -9.53
C THR A 171 32.31 4.04 -10.10
N ALA A 172 33.06 3.75 -11.18
CA ALA A 172 33.19 2.41 -11.75
C ALA A 172 34.30 1.61 -11.11
N LEU A 173 35.32 2.29 -10.59
CA LEU A 173 36.45 1.55 -10.05
C LEU A 173 36.00 0.60 -8.93
N ASN A 174 36.49 -0.63 -8.99
CA ASN A 174 36.22 -1.69 -8.01
C ASN A 174 34.83 -2.32 -8.20
N GLY A 175 34.29 -2.15 -9.41
CA GLY A 175 32.97 -2.64 -9.76
C GLY A 175 32.88 -4.13 -9.61
N GLU A 176 33.89 -4.84 -10.10
CA GLU A 176 33.84 -6.31 -10.15
C GLU A 176 33.78 -6.98 -8.77
N ALA A 177 34.49 -6.41 -7.79
CA ALA A 177 34.44 -6.89 -6.41
C ALA A 177 33.02 -6.72 -5.82
N TYR A 178 32.41 -5.58 -6.10
CA TYR A 178 31.04 -5.31 -5.69
C TYR A 178 30.06 -6.33 -6.29
N LYS A 179 30.16 -6.60 -7.61
CA LYS A 179 29.25 -7.55 -8.21
C LYS A 179 29.40 -8.94 -7.61
N GLN A 180 30.60 -9.27 -7.13
CA GLN A 180 30.81 -10.54 -6.42
C GLN A 180 30.06 -10.55 -5.09
N GLN A 181 30.05 -9.40 -4.40
CA GLN A 181 29.38 -9.26 -3.11
C GLN A 181 27.88 -9.42 -3.28
N VAL A 182 27.34 -8.83 -4.36
CA VAL A 182 25.93 -8.99 -4.73
C VAL A 182 25.59 -10.45 -5.09
N ALA A 183 26.44 -11.09 -5.89
CA ALA A 183 26.22 -12.47 -6.27
C ALA A 183 26.22 -13.36 -5.04
N ARG A 184 27.11 -13.09 -4.09
CA ARG A 184 27.05 -13.72 -2.76
C ARG A 184 25.69 -13.49 -2.08
N ALA A 185 25.29 -12.22 -1.86
CA ALA A 185 23.95 -11.92 -1.31
C ALA A 185 22.83 -12.68 -2.00
N VAL A 186 22.82 -12.67 -3.33
CA VAL A 186 21.78 -13.38 -4.13
C VAL A 186 21.77 -14.90 -3.79
N ALA A 187 22.94 -15.52 -3.69
CA ALA A 187 23.08 -16.94 -3.26
C ALA A 187 22.48 -17.22 -1.88
N GLU A 188 22.79 -16.35 -0.92
CA GLU A 188 22.30 -16.46 0.43
C GLU A 188 20.77 -16.33 0.52
N ILE A 189 20.21 -15.33 -0.17
CA ILE A 189 18.74 -15.18 -0.28
C ILE A 189 18.08 -16.43 -0.91
N ARG A 190 18.62 -16.84 -2.06
CA ARG A 190 18.02 -17.95 -2.79
C ARG A 190 18.10 -19.24 -1.96
N ARG A 191 19.11 -19.37 -1.10
CA ARG A 191 19.22 -20.45 -0.11
C ARG A 191 18.25 -20.29 1.08
N GLY A 192 17.61 -19.13 1.20
CA GLY A 192 16.63 -18.89 2.26
C GLY A 192 17.22 -18.40 3.58
N GLU A 193 18.42 -17.82 3.53
CA GLU A 193 19.09 -17.31 4.71
C GLU A 193 18.50 -15.95 5.12
N TYR A 194 17.96 -15.24 4.14
CA TYR A 194 17.19 -14.02 4.43
C TYR A 194 16.49 -13.61 3.12
N VAL A 195 15.76 -12.49 3.11
CA VAL A 195 14.90 -12.08 1.96
C VAL A 195 15.51 -10.87 1.20
N LYS A 196 16.07 -9.92 1.93
CA LYS A 196 16.62 -8.70 1.34
C LYS A 196 17.81 -8.23 2.15
N VAL A 197 18.86 -7.76 1.49
CA VAL A 197 19.97 -7.11 2.19
C VAL A 197 20.47 -5.96 1.31
N ILE A 198 20.78 -4.83 1.94
CA ILE A 198 21.46 -3.73 1.28
C ILE A 198 22.98 -3.93 1.33
N VAL A 199 23.58 -4.16 0.17
CA VAL A 199 25.03 -4.28 0.02
C VAL A 199 25.54 -2.97 -0.56
N SER A 200 26.46 -2.33 0.15
CA SER A 200 26.93 -1.00 -0.24
C SER A 200 28.44 -1.04 -0.53
N ARG A 201 28.92 -0.02 -1.24
CA ARG A 201 30.34 0.12 -1.62
C ARG A 201 30.82 1.50 -1.24
N ALA A 202 31.99 1.57 -0.59
CA ALA A 202 32.69 2.81 -0.27
C ALA A 202 33.68 3.18 -1.35
N ILE A 203 33.63 4.43 -1.78
CA ILE A 203 34.53 4.98 -2.82
C ILE A 203 35.44 6.01 -2.14
N PRO A 204 36.73 5.64 -1.91
CA PRO A 204 37.66 6.61 -1.30
C PRO A 204 37.93 7.81 -2.24
N LEU A 205 37.98 9.03 -1.68
CA LEU A 205 38.21 10.25 -2.48
C LEU A 205 39.69 10.67 -2.45
N PRO A 206 40.25 11.06 -3.63
CA PRO A 206 41.67 11.44 -3.81
C PRO A 206 42.17 12.54 -2.88
N SER A 207 41.30 13.49 -2.54
CA SER A 207 41.65 14.53 -1.59
C SER A 207 40.50 14.82 -0.64
N ARG A 208 40.81 15.49 0.48
CA ARG A 208 39.79 16.03 1.36
C ARG A 208 38.98 17.09 0.63
N ILE A 209 37.72 17.24 1.01
CA ILE A 209 36.84 18.13 0.28
C ILE A 209 36.50 19.32 1.16
N ASP A 210 36.18 20.42 0.50
CA ASP A 210 35.66 21.63 1.12
C ASP A 210 34.19 21.34 1.39
N MET A 211 33.85 21.10 2.66
CA MET A 211 32.47 20.82 3.06
C MET A 211 31.49 21.95 2.78
N PRO A 212 31.76 23.19 3.26
CA PRO A 212 30.78 24.27 2.93
C PRO A 212 30.45 24.43 1.44
N ALA A 213 31.45 24.24 0.56
CA ALA A 213 31.23 24.46 -0.86
C ALA A 213 30.52 23.27 -1.49
N THR A 214 30.78 22.07 -0.96
CA THR A 214 30.07 20.86 -1.39
C THR A 214 28.59 20.96 -1.03
N LEU A 215 28.29 21.55 0.15
CA LEU A 215 26.93 21.74 0.62
C LEU A 215 26.12 22.60 -0.34
N LEU A 216 26.60 23.83 -0.58
CA LEU A 216 26.01 24.79 -1.55
C LEU A 216 25.78 24.19 -2.93
N TYR A 217 26.85 23.60 -3.49
CA TYR A 217 26.88 23.09 -4.85
C TYR A 217 26.03 21.82 -4.98
N GLY A 218 26.20 20.89 -4.03
CA GLY A 218 25.38 19.67 -3.96
C GLY A 218 23.89 19.94 -3.80
N ARG A 219 23.53 20.84 -2.88
CA ARG A 219 22.11 21.15 -2.62
C ARG A 219 21.28 21.54 -3.84
N GLN A 220 21.81 22.43 -4.68
CA GLN A 220 21.05 22.93 -5.82
C GLN A 220 20.80 21.82 -6.83
N ALA A 221 21.62 20.77 -6.75
CA ALA A 221 21.53 19.57 -7.59
C ALA A 221 20.55 18.48 -7.10
N ASN A 222 19.89 18.73 -5.97
CA ASN A 222 19.14 17.68 -5.30
C ASN A 222 17.82 18.20 -4.80
N THR A 223 16.83 17.32 -4.61
CA THR A 223 15.62 17.67 -3.83
C THR A 223 15.41 16.65 -2.70
N PRO A 224 16.18 16.80 -1.59
CA PRO A 224 16.22 15.81 -0.49
C PRO A 224 15.07 16.06 0.50
N VAL A 225 14.74 15.08 1.35
CA VAL A 225 13.75 15.38 2.36
C VAL A 225 14.38 16.19 3.51
N ARG A 226 15.68 15.99 3.74
CA ARG A 226 16.47 16.75 4.72
C ARG A 226 17.88 16.89 4.17
N SER A 227 18.56 17.96 4.55
CA SER A 227 20.01 18.11 4.31
C SER A 227 20.69 18.30 5.64
N PHE A 228 21.97 17.98 5.69
CA PHE A 228 22.72 18.07 6.93
C PHE A 228 24.20 18.31 6.61
N MET A 229 24.90 18.98 7.54
CA MET A 229 26.36 19.05 7.57
C MET A 229 26.73 19.10 9.06
N PHE A 230 27.57 18.20 9.52
CA PHE A 230 27.95 18.17 10.95
C PHE A 230 29.48 18.16 11.00
N ARG A 231 30.08 18.94 11.89
CA ARG A 231 31.52 18.83 12.17
C ARG A 231 31.69 18.69 13.67
N GLN A 232 32.37 17.64 14.09
CA GLN A 232 32.43 17.26 15.49
C GLN A 232 33.64 16.36 15.69
N GLU A 233 34.49 16.74 16.65
CA GLU A 233 35.66 15.95 17.06
C GLU A 233 36.58 15.44 15.92
N GLY A 234 36.84 16.30 14.96
CA GLY A 234 37.73 15.99 13.84
C GLY A 234 37.09 15.07 12.78
N ARG A 235 35.77 14.95 12.82
CA ARG A 235 35.02 14.14 11.85
C ARG A 235 33.94 15.02 11.24
N GLU A 236 33.72 14.84 9.94
CA GLU A 236 32.80 15.68 9.17
C GLU A 236 31.92 14.80 8.26
N ALA A 237 30.64 15.12 8.19
CA ALA A 237 29.75 14.43 7.26
C ALA A 237 28.74 15.40 6.73
N LEU A 238 28.31 15.18 5.49
CA LEU A 238 27.33 16.08 4.87
C LEU A 238 26.52 15.24 3.89
N GLY A 239 25.23 15.52 3.72
CA GLY A 239 24.52 14.83 2.66
C GLY A 239 23.11 15.26 2.44
N PHE A 240 22.51 14.67 1.42
CA PHE A 240 21.16 15.04 0.98
C PHE A 240 20.26 13.82 1.16
N SER A 241 19.67 13.75 2.36
CA SER A 241 18.93 12.58 2.79
C SER A 241 17.69 12.38 1.95
N PRO A 242 17.53 11.19 1.33
CA PRO A 242 16.35 10.97 0.50
C PRO A 242 15.07 10.61 1.27
N GLU A 243 15.18 10.27 2.56
CA GLU A 243 14.01 9.81 3.31
C GLU A 243 14.25 9.92 4.80
N LEU A 244 13.14 9.93 5.53
CA LEU A 244 13.11 9.92 6.97
C LEU A 244 13.13 8.50 7.49
N VAL A 245 14.01 8.26 8.45
CA VAL A 245 13.93 7.03 9.25
C VAL A 245 12.60 7.08 10.01
N MET A 246 12.28 8.28 10.52
CA MET A 246 11.23 8.42 11.52
C MET A 246 10.96 9.87 11.86
N SER A 247 9.69 10.17 12.12
CA SER A 247 9.30 11.46 12.62
C SER A 247 8.25 11.20 13.64
N VAL A 248 8.39 11.84 14.80
CA VAL A 248 7.41 11.72 15.87
C VAL A 248 6.97 13.12 16.28
N THR A 249 5.68 13.36 16.19
CA THR A 249 5.08 14.63 16.62
C THR A 249 3.97 14.27 17.55
N GLY A 250 4.19 14.58 18.84
CA GLY A 250 3.23 14.23 19.86
C GLY A 250 3.19 12.72 19.94
N ASN A 251 2.00 12.15 19.76
CA ASN A 251 1.85 10.69 19.77
C ASN A 251 1.90 9.98 18.38
N LYS A 252 1.97 10.77 17.29
CA LYS A 252 1.95 10.22 15.93
C LYS A 252 3.36 9.92 15.38
N VAL A 253 3.57 8.66 15.00
CA VAL A 253 4.85 8.22 14.44
C VAL A 253 4.66 7.95 12.95
N VAL A 254 5.60 8.48 12.16
CA VAL A 254 5.65 8.34 10.70
C VAL A 254 7.01 7.74 10.30
N THR A 255 7.01 6.74 9.40
CA THR A 255 8.26 6.32 8.75
C THR A 255 8.05 6.36 7.25
N GLU A 256 9.14 6.45 6.49
CA GLU A 256 9.02 6.73 5.05
C GLU A 256 9.92 5.86 4.18
N PRO A 257 9.59 4.56 4.07
CA PRO A 257 10.50 3.70 3.30
C PRO A 257 10.53 4.04 1.77
N LEU A 258 11.74 4.20 1.22
CA LEU A 258 11.94 4.34 -0.22
C LEU A 258 12.78 3.12 -0.63
N ALA A 259 12.36 2.46 -1.72
CA ALA A 259 12.99 1.24 -2.22
C ALA A 259 12.49 1.08 -3.64
N GLY A 260 13.39 0.83 -4.56
CA GLY A 260 13.01 0.69 -5.95
C GLY A 260 13.55 1.96 -6.59
N THR A 261 14.34 1.82 -7.63
CA THR A 261 15.07 2.97 -8.16
C THR A 261 15.12 2.92 -9.68
N ARG A 262 15.00 4.09 -10.30
CA ARG A 262 15.52 4.30 -11.65
C ARG A 262 16.27 5.63 -11.71
N ASP A 263 17.08 5.82 -12.74
CA ASP A 263 17.73 7.13 -12.89
C ASP A 263 16.70 8.19 -13.28
N ARG A 264 17.01 9.43 -12.97
CA ARG A 264 16.37 10.57 -13.61
C ARG A 264 17.53 11.43 -14.16
N MET A 265 18.45 10.77 -14.88
CA MET A 265 19.66 11.42 -15.42
C MET A 265 19.64 11.77 -16.95
N GLY A 266 18.46 11.85 -17.55
CA GLY A 266 18.37 12.21 -18.99
C GLY A 266 17.52 13.46 -19.17
N ASN A 267 16.95 13.62 -20.38
CA ASN A 267 16.01 14.72 -20.61
C ASN A 267 14.63 14.40 -19.99
N PRO A 268 13.71 15.39 -19.88
CA PRO A 268 12.41 15.00 -19.29
C PRO A 268 11.74 13.75 -19.86
N GLU A 269 11.83 13.55 -21.18
CA GLU A 269 11.26 12.36 -21.85
C GLU A 269 11.85 11.05 -21.34
N HIS A 270 13.16 11.02 -21.22
CA HIS A 270 13.85 9.87 -20.67
C HIS A 270 13.41 9.66 -19.20
N ASN A 271 13.33 10.73 -18.43
CA ASN A 271 13.05 10.62 -17.01
C ASN A 271 11.66 10.08 -16.76
N LYS A 272 10.69 10.63 -17.49
CA LYS A 272 9.29 10.21 -17.45
C LYS A 272 9.07 8.79 -17.98
N ALA A 273 9.81 8.35 -18.99
CA ALA A 273 9.78 6.94 -19.38
C ALA A 273 10.38 6.08 -18.24
N LYS A 274 11.40 6.59 -17.56
CA LYS A 274 12.01 5.84 -16.45
C LYS A 274 11.04 5.72 -15.27
N GLU A 275 10.21 6.73 -15.07
CA GLU A 275 9.21 6.75 -14.00
C GLU A 275 8.13 5.68 -14.23
N ALA A 276 7.62 5.60 -15.46
CA ALA A 276 6.61 4.61 -15.84
C ALA A 276 7.18 3.21 -15.74
N GLU A 277 8.42 3.06 -16.16
CA GLU A 277 9.11 1.80 -16.09
C GLU A 277 9.25 1.33 -14.63
N LEU A 278 9.61 2.26 -13.74
CA LEU A 278 9.75 1.98 -12.32
C LEU A 278 8.42 1.56 -11.66
N LEU A 279 7.36 2.31 -11.94
CA LEU A 279 6.04 1.98 -11.46
C LEU A 279 5.53 0.60 -11.86
N HIS A 280 6.05 0.06 -12.96
CA HIS A 280 5.50 -1.21 -13.49
C HIS A 280 6.49 -2.32 -13.56
N ASP A 281 7.66 -2.11 -12.95
CA ASP A 281 8.65 -3.15 -12.98
C ASP A 281 8.40 -4.10 -11.80
N SER A 282 8.22 -5.38 -12.11
CA SER A 282 7.84 -6.34 -11.07
C SER A 282 8.89 -6.50 -9.96
N LYS A 283 10.16 -6.41 -10.32
CA LYS A 283 11.28 -6.50 -9.37
C LYS A 283 11.29 -5.28 -8.47
N GLU A 284 11.18 -4.08 -9.06
CA GLU A 284 11.18 -2.86 -8.24
C GLU A 284 9.97 -2.76 -7.32
N VAL A 285 8.81 -3.15 -7.83
CA VAL A 285 7.56 -3.11 -7.06
C VAL A 285 7.63 -4.13 -5.90
N LEU A 286 8.16 -5.32 -6.17
CA LEU A 286 8.29 -6.32 -5.14
C LEU A 286 9.30 -5.90 -4.04
N GLU A 287 10.48 -5.43 -4.43
CA GLU A 287 11.44 -4.79 -3.53
C GLU A 287 10.76 -3.74 -2.67
N HIS A 288 9.96 -2.88 -3.29
CA HIS A 288 9.27 -1.84 -2.55
C HIS A 288 8.32 -2.39 -1.49
N ILE A 289 7.35 -3.18 -1.91
CA ILE A 289 6.28 -3.71 -1.01
C ILE A 289 6.82 -4.59 0.13
N LEU A 290 7.85 -5.39 -0.17
CA LEU A 290 8.55 -6.18 0.87
C LEU A 290 9.01 -5.26 2.02
N SER A 291 9.57 -4.10 1.66
CA SER A 291 9.98 -3.11 2.69
C SER A 291 8.83 -2.38 3.36
N VAL A 292 7.80 -1.98 2.61
CA VAL A 292 6.66 -1.32 3.27
C VAL A 292 6.01 -2.25 4.32
N LYS A 293 5.87 -3.53 3.98
CA LYS A 293 5.24 -4.49 4.88
C LYS A 293 6.10 -4.69 6.14
N GLU A 294 7.42 -4.58 6.00
CA GLU A 294 8.30 -4.69 7.18
C GLU A 294 8.19 -3.46 8.04
N ALA A 295 8.05 -2.31 7.40
CA ALA A 295 7.90 -1.02 8.10
C ALA A 295 6.57 -1.00 8.89
N ILE A 296 5.53 -1.60 8.31
CA ILE A 296 4.23 -1.77 8.98
C ILE A 296 4.37 -2.65 10.24
N ALA A 297 5.03 -3.80 10.11
CA ALA A 297 5.28 -4.67 11.23
C ALA A 297 6.11 -3.97 12.31
N GLU A 298 7.17 -3.26 11.92
CA GLU A 298 7.91 -2.43 12.86
C GLU A 298 7.05 -1.45 13.64
N LEU A 299 6.23 -0.63 12.95
CA LEU A 299 5.33 0.32 13.66
C LEU A 299 4.34 -0.43 14.54
N GLU A 300 3.84 -1.57 14.06
CA GLU A 300 2.89 -2.36 14.86
C GLU A 300 3.47 -2.80 16.22
N ALA A 301 4.79 -2.94 16.31
CA ALA A 301 5.50 -3.32 17.54
C ALA A 301 5.48 -2.25 18.61
N VAL A 302 5.12 -1.02 18.22
CA VAL A 302 5.17 0.10 19.16
C VAL A 302 3.92 0.97 19.20
N CYS A 303 2.95 0.64 18.36
CA CYS A 303 1.79 1.48 18.14
C CYS A 303 0.49 0.86 18.66
N LEU A 304 -0.52 1.71 18.85
CA LEU A 304 -1.85 1.24 19.26
C LEU A 304 -2.43 0.30 18.19
N PRO A 305 -2.98 -0.85 18.61
CA PRO A 305 -3.57 -1.78 17.63
C PRO A 305 -4.60 -1.13 16.72
N GLY A 306 -4.47 -1.45 15.43
CA GLY A 306 -5.28 -0.87 14.36
C GLY A 306 -4.97 0.55 13.96
N SER A 307 -3.91 1.16 14.51
CA SER A 307 -3.61 2.58 14.19
C SER A 307 -2.63 2.71 13.03
N VAL A 308 -1.96 1.61 12.69
CA VAL A 308 -0.96 1.64 11.62
C VAL A 308 -1.58 1.58 10.22
N VAL A 309 -1.34 2.62 9.44
CA VAL A 309 -1.91 2.78 8.10
C VAL A 309 -0.88 3.29 7.10
N VAL A 310 -1.05 2.94 5.82
CA VAL A 310 -0.18 3.50 4.79
C VAL A 310 -0.97 4.72 4.32
N GLU A 311 -0.35 5.89 4.44
CA GLU A 311 -1.01 7.13 4.03
C GLU A 311 -0.68 7.45 2.60
N ASP A 312 0.42 6.92 2.09
CA ASP A 312 0.79 7.13 0.70
C ASP A 312 1.48 5.87 0.23
N LEU A 313 0.88 5.23 -0.76
CA LEU A 313 1.33 3.93 -1.22
C LEU A 313 2.11 3.99 -2.51
N MET A 314 3.41 3.72 -2.40
CA MET A 314 4.29 3.50 -3.56
C MET A 314 4.18 4.57 -4.65
N SER A 315 4.38 5.83 -4.27
CA SER A 315 4.48 6.91 -5.26
C SER A 315 5.96 7.21 -5.59
N VAL A 316 6.21 7.76 -6.78
CA VAL A 316 7.56 8.08 -7.21
C VAL A 316 8.04 9.37 -6.57
N ARG A 317 9.26 9.31 -6.03
CA ARG A 317 9.88 10.44 -5.33
C ARG A 317 11.13 10.77 -6.11
N GLN A 318 11.28 12.05 -6.45
CA GLN A 318 12.43 12.54 -7.19
C GLN A 318 13.53 12.99 -6.21
N ARG A 319 14.73 12.42 -6.38
CA ARG A 319 15.88 12.63 -5.48
C ARG A 319 17.16 12.84 -6.29
N GLY A 320 17.18 13.92 -7.08
CA GLY A 320 18.40 14.37 -7.79
C GLY A 320 18.82 13.57 -9.01
N SER A 321 19.74 12.62 -8.83
CA SER A 321 20.16 11.71 -9.92
C SER A 321 19.25 10.49 -10.08
N VAL A 322 18.38 10.23 -9.10
CA VAL A 322 17.57 9.02 -9.06
C VAL A 322 16.15 9.35 -8.62
N GLN A 323 15.21 8.48 -8.96
CA GLN A 323 13.85 8.62 -8.48
C GLN A 323 13.45 7.26 -7.91
N HIS A 324 12.62 7.24 -6.87
CA HIS A 324 12.42 5.98 -6.12
C HIS A 324 10.96 5.82 -5.89
N LEU A 325 10.52 4.58 -5.69
CA LEU A 325 9.19 4.35 -5.09
C LEU A 325 9.26 4.65 -3.60
N GLY A 326 8.25 5.33 -3.09
CA GLY A 326 8.23 5.71 -1.71
C GLY A 326 6.86 5.53 -1.14
N SER A 327 6.79 5.08 0.11
CA SER A 327 5.52 4.99 0.85
C SER A 327 5.66 5.68 2.21
N GLY A 328 4.57 6.28 2.69
CA GLY A 328 4.47 6.84 4.06
C GLY A 328 3.58 5.97 4.94
N VAL A 329 4.11 5.55 6.07
CA VAL A 329 3.39 4.68 6.97
C VAL A 329 3.32 5.45 8.28
N SER A 330 2.18 5.40 8.96
CA SER A 330 2.04 6.11 10.24
C SER A 330 1.29 5.27 11.23
N GLY A 331 1.44 5.64 12.52
CA GLY A 331 0.72 4.99 13.60
C GLY A 331 0.66 5.92 14.82
N GLN A 332 0.00 5.48 15.87
CA GLN A 332 -0.08 6.21 17.12
C GLN A 332 0.65 5.42 18.18
N LEU A 333 1.65 6.00 18.82
CA LEU A 333 2.46 5.25 19.78
C LEU A 333 1.57 4.67 20.86
N ALA A 334 1.87 3.45 21.29
CA ALA A 334 1.16 2.85 22.42
C ALA A 334 1.54 3.62 23.69
N GLU A 335 0.71 3.48 24.73
CA GLU A 335 0.88 4.24 25.97
C GLU A 335 2.25 4.03 26.65
N ASN A 336 2.80 2.82 26.57
CA ASN A 336 4.06 2.51 27.22
C ASN A 336 5.28 2.60 26.28
N LYS A 337 5.11 3.38 25.19
CA LYS A 337 6.14 3.51 24.16
C LYS A 337 6.44 4.97 23.88
N ASP A 338 7.73 5.32 23.85
CA ASP A 338 8.17 6.68 23.50
C ASP A 338 8.88 6.68 22.15
N ALA A 339 9.28 7.85 21.69
CA ALA A 339 9.98 8.02 20.42
C ALA A 339 11.29 7.25 20.32
N TRP A 340 11.94 7.02 21.46
CA TRP A 340 13.18 6.19 21.50
C TRP A 340 12.93 4.71 21.30
N ASP A 341 11.79 4.20 21.79
CA ASP A 341 11.40 2.82 21.57
C ASP A 341 11.10 2.69 20.08
N ALA A 342 10.41 3.69 19.54
CA ALA A 342 10.07 3.71 18.11
C ALA A 342 11.35 3.74 17.25
N PHE A 343 12.29 4.61 17.63
CA PHE A 343 13.55 4.74 16.92
C PHE A 343 14.37 3.45 16.94
N THR A 344 14.40 2.74 18.09
CA THR A 344 15.22 1.51 18.16
C THR A 344 14.68 0.39 17.31
N VAL A 345 13.36 0.31 17.17
CA VAL A 345 12.71 -0.67 16.30
C VAL A 345 12.94 -0.25 14.82
N LEU A 346 12.74 1.04 14.52
CA LEU A 346 12.79 1.54 13.11
C LEU A 346 14.21 1.63 12.55
N PHE A 347 15.21 1.65 13.42
CA PHE A 347 16.60 1.85 13.04
C PHE A 347 17.37 0.53 12.81
N PRO A 348 18.24 0.45 11.76
CA PRO A 348 18.34 1.45 10.69
C PRO A 348 17.11 1.32 9.81
N SER A 349 16.90 2.24 8.86
CA SER A 349 15.84 2.05 7.88
C SER A 349 15.95 0.65 7.32
N ILE A 350 14.82 -0.05 7.27
CA ILE A 350 14.70 -1.29 6.55
C ILE A 350 15.31 -1.16 5.16
N THR A 351 15.09 -0.02 4.53
CA THR A 351 15.56 0.22 3.17
C THR A 351 17.09 0.49 3.07
N ALA A 352 17.76 0.62 4.23
CA ALA A 352 19.23 0.69 4.31
C ALA A 352 19.91 -0.53 4.99
N SER A 353 19.13 -1.53 5.39
CA SER A 353 19.66 -2.71 6.10
C SER A 353 19.13 -3.99 5.46
N GLY A 354 17.86 -4.29 5.68
CA GLY A 354 17.31 -5.49 5.05
C GLY A 354 16.20 -6.21 5.82
N ILE A 355 15.87 -7.40 5.31
CA ILE A 355 14.74 -8.18 5.79
C ILE A 355 15.13 -9.68 5.85
N PRO A 356 14.90 -10.35 7.01
CA PRO A 356 14.52 -9.77 8.31
C PRO A 356 15.69 -8.94 8.78
N LYS A 357 15.41 -7.95 9.61
CA LYS A 357 16.42 -6.94 9.86
C LYS A 357 17.68 -7.50 10.50
N ASN A 358 17.53 -8.31 11.53
CA ASN A 358 18.71 -8.80 12.26
C ASN A 358 19.56 -9.74 11.40
N ALA A 359 18.92 -10.53 10.55
CA ALA A 359 19.70 -11.42 9.66
C ALA A 359 20.45 -10.61 8.60
N ALA A 360 19.81 -9.54 8.12
CA ALA A 360 20.42 -8.63 7.15
C ALA A 360 21.60 -7.91 7.77
N LEU A 361 21.42 -7.38 8.99
CA LEU A 361 22.53 -6.74 9.72
C LEU A 361 23.73 -7.65 9.81
N ASN A 362 23.48 -8.93 10.04
CA ASN A 362 24.55 -9.92 10.10
C ASN A 362 25.26 -10.14 8.77
N ALA A 363 24.47 -10.27 7.71
CA ALA A 363 24.98 -10.47 6.36
C ALA A 363 25.85 -9.28 5.98
N ILE A 364 25.38 -8.08 6.32
CA ILE A 364 26.13 -6.84 6.07
C ILE A 364 27.51 -6.89 6.72
N MET A 365 27.56 -7.26 7.98
CA MET A 365 28.84 -7.40 8.68
C MET A 365 29.72 -8.56 8.13
N GLN A 366 29.09 -9.58 7.56
CA GLN A 366 29.84 -10.66 6.91
C GLN A 366 30.39 -10.22 5.55
N ILE A 367 29.62 -9.43 4.81
CA ILE A 367 29.89 -9.18 3.39
C ILE A 367 30.74 -7.95 3.14
N GLU A 368 30.47 -6.89 3.91
CA GLU A 368 31.17 -5.62 3.74
C GLU A 368 32.48 -5.64 4.52
N LYS A 369 33.45 -4.87 4.02
CA LYS A 369 34.88 -4.96 4.43
C LYS A 369 35.44 -3.67 5.04
N THR A 370 34.67 -2.59 4.91
CA THR A 370 34.95 -1.32 5.60
C THR A 370 33.76 -1.01 6.52
N PRO A 371 34.03 -0.36 7.68
CA PRO A 371 32.92 0.03 8.53
C PRO A 371 32.11 1.15 7.88
N ARG A 372 30.78 0.99 7.91
CA ARG A 372 29.79 1.97 7.38
C ARG A 372 29.89 3.26 8.13
N GLU A 373 30.26 3.16 9.40
CA GLU A 373 30.29 4.31 10.31
C GLU A 373 28.91 5.00 10.40
N LEU A 374 28.82 6.24 9.90
CA LEU A 374 27.54 6.98 9.87
C LEU A 374 26.65 6.64 8.64
N TYR A 375 27.24 6.02 7.62
CA TYR A 375 26.49 5.59 6.44
C TYR A 375 25.41 4.62 6.84
N SER A 376 24.20 4.87 6.32
CA SER A 376 22.94 4.17 6.63
C SER A 376 22.47 4.44 8.06
N GLY A 377 23.14 5.36 8.74
CA GLY A 377 22.71 5.79 10.09
C GLY A 377 21.68 6.92 10.00
N ALA A 378 21.62 7.76 11.03
CA ALA A 378 20.56 8.74 11.14
C ALA A 378 21.17 10.04 11.59
N ILE A 379 20.60 11.14 11.10
CA ILE A 379 20.82 12.47 11.66
C ILE A 379 19.55 12.89 12.36
N LEU A 380 19.69 13.44 13.56
CA LEU A 380 18.54 13.76 14.38
C LEU A 380 18.41 15.26 14.62
N LEU A 381 17.16 15.71 14.68
CA LEU A 381 16.83 16.99 15.26
C LEU A 381 15.63 16.81 16.19
N LEU A 382 15.85 17.11 17.47
CA LEU A 382 14.84 16.96 18.51
C LEU A 382 14.56 18.33 19.17
N ASP A 383 13.29 18.69 19.20
CA ASP A 383 12.80 19.98 19.72
C ASP A 383 11.37 19.83 20.24
N ASP A 384 10.78 20.91 20.72
CA ASP A 384 9.51 20.87 21.48
C ASP A 384 8.38 20.14 20.77
N THR A 385 8.36 20.23 19.45
CA THR A 385 7.27 19.68 18.64
C THR A 385 7.55 18.32 17.95
N ARG A 386 8.83 17.88 17.92
CA ARG A 386 9.20 16.75 17.08
C ARG A 386 10.51 16.04 17.44
N PHE A 387 10.53 14.74 17.16
CA PHE A 387 11.73 13.91 17.02
C PHE A 387 11.84 13.62 15.50
N ASP A 388 12.85 14.18 14.86
CA ASP A 388 13.07 14.08 13.43
C ASP A 388 14.38 13.33 13.18
N ALA A 389 14.30 12.29 12.36
CA ALA A 389 15.45 11.40 12.06
C ALA A 389 15.57 11.14 10.57
N ALA A 390 16.61 11.67 9.96
CA ALA A 390 16.83 11.54 8.51
C ALA A 390 17.82 10.43 8.23
N LEU A 391 17.57 9.63 7.18
CA LEU A 391 18.46 8.55 6.82
C LEU A 391 19.74 9.06 6.16
N VAL A 392 20.87 8.49 6.56
CA VAL A 392 22.15 8.89 6.01
C VAL A 392 22.51 8.08 4.79
N LEU A 393 22.07 8.62 3.63
CA LEU A 393 22.49 8.16 2.31
C LEU A 393 22.78 9.41 1.46
N ARG A 394 23.36 9.21 0.29
CA ARG A 394 23.68 10.35 -0.64
C ARG A 394 24.56 11.35 0.14
N SER A 395 25.60 10.84 0.79
CA SER A 395 26.35 11.61 1.80
C SER A 395 27.85 11.35 1.65
N VAL A 396 28.64 12.25 2.21
CA VAL A 396 30.09 12.20 2.11
C VAL A 396 30.65 12.37 3.52
N PHE A 397 31.76 11.69 3.80
CA PHE A 397 32.30 11.52 5.17
C PHE A 397 33.81 11.72 5.13
N GLN A 398 34.36 12.32 6.18
CA GLN A 398 35.81 12.46 6.28
C GLN A 398 36.25 12.61 7.74
N ASP A 399 37.33 11.93 8.06
CA ASP A 399 37.92 12.04 9.38
C ASP A 399 39.45 12.17 9.17
N SER A 400 40.25 11.94 10.22
CA SER A 400 41.71 11.96 10.10
C SER A 400 42.29 10.85 9.22
N GLN A 401 41.56 9.75 9.04
CA GLN A 401 42.05 8.57 8.33
C GLN A 401 41.43 8.39 6.92
N ARG A 402 40.16 8.77 6.76
CA ARG A 402 39.41 8.41 5.54
C ARG A 402 38.68 9.60 5.00
N CYS A 403 38.44 9.57 3.70
CA CYS A 403 37.56 10.49 3.05
C CYS A 403 36.82 9.65 1.99
N TRP A 404 35.49 9.55 2.10
CA TRP A 404 34.75 8.66 1.19
C TRP A 404 33.29 9.00 0.96
N ILE A 405 32.78 8.46 -0.14
CA ILE A 405 31.35 8.37 -0.40
C ILE A 405 30.90 6.92 -0.44
N GLN A 406 29.62 6.68 -0.20
CA GLN A 406 29.10 5.34 -0.09
C GLN A 406 27.67 5.20 -0.66
N ALA A 407 27.41 4.13 -1.40
CA ALA A 407 26.06 3.88 -1.93
C ALA A 407 25.89 2.40 -1.99
N GLY A 408 24.64 1.95 -1.86
CA GLY A 408 24.35 0.55 -2.00
C GLY A 408 23.08 0.33 -2.77
N ALA A 409 22.58 -0.90 -2.70
CA ALA A 409 21.40 -1.27 -3.43
C ALA A 409 20.75 -2.36 -2.62
N GLY A 410 19.41 -2.40 -2.64
CA GLY A 410 18.64 -3.46 -1.99
C GLY A 410 18.66 -4.70 -2.83
N ILE A 411 19.28 -5.77 -2.31
CA ILE A 411 19.41 -7.03 -3.02
C ILE A 411 18.30 -8.00 -2.60
N ILE A 412 17.53 -8.50 -3.58
CA ILE A 412 16.46 -9.47 -3.36
C ILE A 412 16.74 -10.66 -4.28
N ALA A 413 15.91 -11.70 -4.27
CA ALA A 413 16.24 -12.92 -5.03
C ALA A 413 16.32 -12.65 -6.52
N GLN A 414 15.65 -11.59 -6.96
CA GLN A 414 15.50 -11.24 -8.40
C GLN A 414 16.60 -10.28 -8.87
N SER A 415 17.54 -9.93 -8.00
CA SER A 415 18.59 -9.00 -8.33
C SER A 415 19.60 -9.58 -9.32
N THR A 416 20.17 -8.67 -10.13
CA THR A 416 21.22 -8.93 -11.10
C THR A 416 22.43 -8.12 -10.63
N PRO A 417 23.60 -8.76 -10.42
CA PRO A 417 24.78 -8.02 -9.97
C PRO A 417 25.10 -6.81 -10.84
N GLU A 418 24.98 -6.94 -12.16
CA GLU A 418 25.36 -5.80 -13.07
C GLU A 418 24.39 -4.62 -12.91
N ARG A 419 23.09 -4.91 -12.80
CA ARG A 419 22.13 -3.83 -12.57
C ARG A 419 22.32 -3.09 -11.22
N GLU A 420 22.56 -3.84 -10.15
CA GLU A 420 22.85 -3.27 -8.82
C GLU A 420 24.13 -2.41 -8.79
N LEU A 421 25.18 -2.80 -9.51
CA LEU A 421 26.36 -1.92 -9.68
C LEU A 421 25.95 -0.57 -10.28
N THR A 422 25.28 -0.62 -11.43
CA THR A 422 24.76 0.57 -12.09
C THR A 422 23.87 1.39 -11.13
N GLU A 423 23.01 0.71 -10.36
CA GLU A 423 22.17 1.41 -9.38
C GLU A 423 22.97 2.26 -8.37
N THR A 424 24.03 1.69 -7.77
CA THR A 424 24.93 2.44 -6.86
C THR A 424 25.54 3.65 -7.54
N ARG A 425 25.97 3.46 -8.79
CA ARG A 425 26.50 4.59 -9.58
C ARG A 425 25.48 5.66 -9.87
N GLU A 426 24.25 5.28 -10.19
CA GLU A 426 23.17 6.30 -10.33
C GLU A 426 22.93 7.08 -9.03
N LYS A 427 22.94 6.37 -7.90
CA LYS A 427 22.84 7.00 -6.57
C LYS A 427 24.07 7.88 -6.21
N LEU A 428 25.28 7.40 -6.53
CA LEU A 428 26.55 8.14 -6.30
C LEU A 428 26.59 9.47 -7.08
N ALA A 429 25.93 9.50 -8.24
CA ALA A 429 25.79 10.71 -9.07
C ALA A 429 24.96 11.82 -8.39
N SER A 430 24.30 11.48 -7.30
CA SER A 430 23.59 12.47 -6.50
C SER A 430 24.57 13.32 -5.62
N ILE A 431 25.77 12.80 -5.37
CA ILE A 431 26.73 13.50 -4.50
C ILE A 431 28.10 13.74 -5.17
N ALA A 432 28.59 12.74 -5.88
CA ALA A 432 29.93 12.67 -6.43
C ALA A 432 30.32 13.80 -7.38
N PRO A 433 29.39 14.23 -8.29
CA PRO A 433 29.75 15.33 -9.18
C PRO A 433 29.91 16.66 -8.46
N TYR A 434 29.43 16.73 -7.21
CA TYR A 434 29.37 18.03 -6.48
C TYR A 434 30.34 18.11 -5.32
N LEU A 435 31.34 17.25 -5.34
CA LEU A 435 32.42 17.27 -4.35
C LEU A 435 33.45 18.37 -4.71
N MET A 436 33.48 19.43 -3.91
CA MET A 436 34.40 20.56 -4.13
C MET A 436 35.69 20.40 -3.31
N VAL A 437 36.84 20.62 -3.97
CA VAL A 437 38.16 20.49 -3.35
C VAL A 437 38.66 21.82 -2.78
N LYS B 5 -45.79 -2.74 8.21
CA LYS B 5 -45.79 -4.23 8.02
C LYS B 5 -45.76 -4.97 9.35
N ILE B 6 -46.52 -6.06 9.42
CA ILE B 6 -46.58 -6.85 10.64
C ILE B 6 -45.36 -7.79 10.77
N SER B 7 -44.85 -7.96 11.99
CA SER B 7 -43.64 -8.75 12.21
C SER B 7 -43.79 -9.77 13.32
N GLU B 8 -43.02 -10.85 13.20
CA GLU B 8 -43.02 -11.93 14.17
C GLU B 8 -41.59 -12.43 14.40
N PHE B 9 -41.29 -12.80 15.64
CA PHE B 9 -39.97 -13.31 16.01
C PHE B 9 -40.09 -14.75 16.45
N LEU B 10 -39.22 -15.61 15.91
CA LEU B 10 -39.25 -17.03 16.27
C LEU B 10 -37.88 -17.49 16.71
N HIS B 11 -37.80 -18.08 17.91
CA HIS B 11 -36.60 -18.82 18.26
C HIS B 11 -36.75 -20.25 17.80
N LEU B 12 -35.84 -20.69 16.94
CA LEU B 12 -35.80 -22.09 16.54
C LEU B 12 -34.71 -22.78 17.38
N ALA B 13 -35.06 -23.89 18.01
CA ALA B 13 -34.08 -24.60 18.82
C ALA B 13 -33.21 -25.50 17.93
N LEU B 14 -32.78 -24.95 16.80
CA LEU B 14 -32.05 -25.70 15.77
C LEU B 14 -30.55 -25.63 15.98
N PRO B 15 -29.88 -26.80 15.86
CA PRO B 15 -28.42 -26.83 15.88
C PRO B 15 -27.84 -26.12 14.64
N GLU B 16 -26.63 -25.57 14.80
CA GLU B 16 -25.93 -24.86 13.74
C GLU B 16 -25.95 -25.65 12.43
N GLU B 17 -25.62 -26.93 12.51
CA GLU B 17 -25.65 -27.83 11.37
C GLU B 17 -26.90 -27.65 10.51
N GLN B 18 -28.00 -27.17 11.11
CA GLN B 18 -29.32 -27.16 10.46
C GLN B 18 -29.77 -25.77 9.98
N TRP B 19 -28.95 -24.76 10.24
CA TRP B 19 -29.28 -23.38 9.92
C TRP B 19 -29.26 -23.11 8.43
N LEU B 20 -28.16 -23.43 7.75
CA LEU B 20 -28.12 -23.33 6.27
C LEU B 20 -29.20 -24.17 5.56
N PRO B 21 -29.37 -25.46 5.94
CA PRO B 21 -30.50 -26.23 5.42
C PRO B 21 -31.90 -25.59 5.58
N THR B 22 -32.17 -25.00 6.74
CA THR B 22 -33.46 -24.35 6.98
C THR B 22 -33.71 -23.17 6.03
N ILE B 23 -32.67 -22.33 5.89
CA ILE B 23 -32.67 -21.19 4.96
C ILE B 23 -32.97 -21.59 3.50
N SER B 24 -32.26 -22.59 2.98
CA SER B 24 -32.46 -22.99 1.59
C SER B 24 -33.78 -23.76 1.42
N GLY B 25 -34.24 -24.43 2.48
CA GLY B 25 -35.60 -24.99 2.53
C GLY B 25 -36.72 -23.95 2.40
N VAL B 26 -36.52 -22.80 3.05
CA VAL B 26 -37.46 -21.68 2.96
C VAL B 26 -37.43 -21.11 1.52
N LEU B 27 -36.22 -20.87 1.01
CA LEU B 27 -36.04 -20.46 -0.38
C LEU B 27 -36.79 -21.37 -1.33
N ARG B 28 -36.70 -22.68 -1.11
CA ARG B 28 -37.47 -23.64 -1.87
C ARG B 28 -38.96 -23.25 -1.94
N GLN B 29 -39.57 -22.84 -0.80
CA GLN B 29 -41.00 -22.48 -0.74
C GLN B 29 -41.36 -21.22 -1.51
N PHE B 30 -40.39 -20.35 -1.79
CA PHE B 30 -40.65 -19.14 -2.57
C PHE B 30 -40.89 -19.53 -4.03
N ALA B 31 -40.86 -20.84 -4.29
CA ALA B 31 -41.04 -21.41 -5.64
C ALA B 31 -40.56 -20.53 -6.78
N GLU B 32 -41.50 -19.90 -7.48
CA GLU B 32 -41.18 -19.12 -8.67
C GLU B 32 -41.48 -17.64 -8.45
N GLU B 33 -41.68 -17.28 -7.19
CA GLU B 33 -41.82 -15.88 -6.85
C GLU B 33 -40.46 -15.18 -6.92
N GLU B 34 -40.47 -13.89 -7.27
CA GLU B 34 -39.29 -13.06 -7.19
C GLU B 34 -38.79 -13.01 -5.73
N CYS B 35 -37.49 -13.13 -5.57
CA CYS B 35 -36.93 -13.19 -4.23
C CYS B 35 -35.45 -12.72 -4.27
N TYR B 36 -34.87 -12.53 -3.11
CA TYR B 36 -33.58 -11.87 -2.94
C TYR B 36 -33.01 -12.49 -1.70
N VAL B 37 -31.84 -13.09 -1.82
CA VAL B 37 -31.16 -13.67 -0.64
C VAL B 37 -29.80 -12.96 -0.52
N TYR B 38 -29.42 -12.56 0.70
CA TYR B 38 -28.11 -11.92 0.91
C TYR B 38 -27.59 -12.31 2.30
N GLU B 39 -26.43 -12.94 2.33
CA GLU B 39 -25.72 -13.20 3.58
C GLU B 39 -24.64 -12.13 3.88
N ARG B 40 -24.83 -11.40 4.98
CA ARG B 40 -23.76 -10.60 5.58
C ARG B 40 -23.72 -11.05 7.04
N PRO B 41 -22.77 -11.94 7.37
CA PRO B 41 -22.71 -12.54 8.70
C PRO B 41 -22.80 -11.44 9.80
N PRO B 42 -23.55 -11.71 10.90
CA PRO B 42 -24.24 -12.96 11.29
C PRO B 42 -25.63 -13.25 10.70
N CYS B 43 -26.10 -12.44 9.74
CA CYS B 43 -27.47 -12.60 9.17
C CYS B 43 -27.57 -13.03 7.71
N TRP B 44 -28.68 -13.74 7.44
CA TRP B 44 -29.19 -13.95 6.08
C TRP B 44 -30.52 -13.20 5.95
N TYR B 45 -30.60 -12.36 4.93
CA TYR B 45 -31.77 -11.56 4.63
C TYR B 45 -32.43 -12.21 3.43
N LEU B 46 -33.66 -12.66 3.60
CA LEU B 46 -34.46 -13.10 2.46
C LEU B 46 -35.62 -12.13 2.22
N GLY B 47 -35.69 -11.59 1.00
CA GLY B 47 -36.82 -10.75 0.57
C GLY B 47 -37.64 -11.50 -0.46
N LYS B 48 -38.97 -11.33 -0.43
CA LYS B 48 -39.90 -12.02 -1.33
C LYS B 48 -40.85 -11.00 -1.96
N GLY B 49 -41.05 -11.08 -3.29
CA GLY B 49 -41.96 -10.18 -4.01
C GLY B 49 -41.41 -8.76 -4.15
N CYS B 50 -42.30 -7.85 -4.51
CA CYS B 50 -41.89 -6.51 -4.82
C CYS B 50 -42.96 -5.54 -4.37
N GLN B 51 -42.56 -4.60 -3.51
CA GLN B 51 -43.40 -3.53 -3.08
C GLN B 51 -43.09 -2.28 -3.91
N ALA B 52 -41.81 -2.08 -4.22
CA ALA B 52 -41.34 -0.88 -4.95
C ALA B 52 -40.01 -1.21 -5.64
N ARG B 53 -39.89 -0.84 -6.93
CA ARG B 53 -38.70 -1.14 -7.74
C ARG B 53 -38.32 0.06 -8.59
N LEU B 54 -37.02 0.33 -8.63
CA LEU B 54 -36.41 1.15 -9.64
C LEU B 54 -35.77 0.21 -10.65
N HIS B 55 -36.10 0.41 -11.93
CA HIS B 55 -35.60 -0.39 -13.02
C HIS B 55 -34.88 0.51 -14.03
N ILE B 56 -33.62 0.19 -14.35
CA ILE B 56 -32.89 0.87 -15.43
C ILE B 56 -32.69 -0.16 -16.50
N ASN B 57 -33.17 0.12 -17.71
CA ASN B 57 -33.08 -0.87 -18.78
C ASN B 57 -31.65 -1.08 -19.29
N ALA B 58 -31.49 -2.07 -20.18
CA ALA B 58 -30.17 -2.57 -20.54
C ALA B 58 -29.22 -1.58 -21.23
N ASP B 59 -29.78 -0.65 -22.02
CA ASP B 59 -28.99 0.34 -22.72
C ASP B 59 -28.87 1.65 -21.94
N GLY B 60 -29.51 1.71 -20.78
CA GLY B 60 -29.47 2.90 -19.95
C GLY B 60 -30.33 4.07 -20.43
N THR B 61 -31.28 3.81 -21.33
CA THR B 61 -32.17 4.88 -21.83
C THR B 61 -33.52 5.08 -21.10
N GLN B 62 -33.94 4.12 -20.26
CA GLN B 62 -35.23 4.23 -19.55
C GLN B 62 -35.14 3.82 -18.07
N ALA B 63 -35.47 4.78 -17.19
CA ALA B 63 -35.68 4.55 -15.79
C ALA B 63 -37.17 4.51 -15.46
N THR B 64 -37.57 3.45 -14.77
CA THR B 64 -38.96 3.23 -14.37
C THR B 64 -39.06 2.98 -12.89
N PHE B 65 -39.87 3.79 -12.21
CA PHE B 65 -40.29 3.49 -10.85
C PHE B 65 -41.62 2.69 -10.91
N ILE B 66 -41.70 1.62 -10.12
CA ILE B 66 -42.90 0.80 -10.05
C ILE B 66 -43.30 0.59 -8.59
N ASP B 67 -44.55 0.94 -8.29
CA ASP B 67 -45.15 0.51 -7.00
C ASP B 67 -46.67 0.29 -7.17
N ASP B 68 -47.42 0.29 -6.07
CA ASP B 68 -48.88 0.00 -6.16
C ASP B 68 -49.71 1.13 -6.79
N ALA B 69 -49.06 2.26 -7.04
CA ALA B 69 -49.69 3.34 -7.76
C ALA B 69 -49.48 3.23 -9.29
N GLY B 70 -48.64 2.31 -9.73
CA GLY B 70 -48.42 2.03 -11.14
C GLY B 70 -46.99 2.26 -11.55
N GLU B 71 -46.77 2.29 -12.86
CA GLU B 71 -45.43 2.64 -13.38
C GLU B 71 -45.26 4.11 -13.69
N GLN B 72 -44.10 4.68 -13.30
CA GLN B 72 -43.76 6.07 -13.63
C GLN B 72 -42.42 6.13 -14.36
N LYS B 73 -42.35 6.83 -15.48
CA LYS B 73 -41.07 6.96 -16.18
C LYS B 73 -40.28 8.13 -15.62
N TRP B 74 -39.06 7.84 -15.19
CA TRP B 74 -38.20 8.88 -14.65
C TRP B 74 -37.18 9.31 -15.70
N ALA B 75 -36.55 10.45 -15.45
CA ALA B 75 -35.50 10.93 -16.33
C ALA B 75 -34.19 10.16 -16.06
N VAL B 76 -33.67 9.51 -17.11
CA VAL B 76 -32.37 8.85 -17.10
C VAL B 76 -31.21 9.82 -17.42
N ASP B 77 -31.25 11.03 -16.84
CA ASP B 77 -30.18 12.00 -17.01
C ASP B 77 -29.04 11.64 -16.08
N SER B 78 -29.38 10.97 -14.98
CA SER B 78 -28.43 10.55 -13.97
C SER B 78 -28.98 9.35 -13.20
N ILE B 79 -28.46 8.15 -13.49
CA ILE B 79 -28.83 6.92 -12.77
C ILE B 79 -28.66 7.09 -11.26
N ALA B 80 -27.53 7.66 -10.86
CA ALA B 80 -27.30 8.01 -9.47
C ALA B 80 -28.44 8.86 -8.85
N ASP B 81 -28.94 9.85 -9.59
CA ASP B 81 -30.08 10.66 -9.10
C ASP B 81 -31.38 9.84 -8.98
N CYS B 82 -31.66 9.00 -9.98
CA CYS B 82 -32.76 8.01 -9.92
C CYS B 82 -32.68 7.19 -8.67
N ALA B 83 -31.52 6.55 -8.48
CA ALA B 83 -31.25 5.76 -7.28
C ALA B 83 -31.46 6.55 -6.01
N ARG B 84 -30.98 7.80 -6.00
CA ARG B 84 -31.26 8.75 -4.88
C ARG B 84 -32.76 9.07 -4.68
N ARG B 85 -33.46 9.37 -5.76
CA ARG B 85 -34.93 9.57 -5.63
C ARG B 85 -35.65 8.34 -5.05
N PHE B 86 -35.24 7.14 -5.49
CA PHE B 86 -35.85 5.87 -4.98
C PHE B 86 -35.61 5.71 -3.48
N MET B 87 -34.37 5.88 -3.03
CA MET B 87 -34.05 5.75 -1.60
C MET B 87 -34.79 6.74 -0.74
N ALA B 88 -35.00 7.93 -1.29
CA ALA B 88 -35.73 9.01 -0.60
C ALA B 88 -37.25 8.95 -0.82
N HIS B 89 -37.76 7.95 -1.53
CA HIS B 89 -39.19 7.76 -1.74
C HIS B 89 -39.90 7.31 -0.47
N PRO B 90 -41.11 7.85 -0.20
CA PRO B 90 -41.91 7.46 0.98
C PRO B 90 -42.15 5.97 1.09
N GLN B 91 -42.28 5.32 -0.07
CA GLN B 91 -42.39 3.86 -0.14
C GLN B 91 -41.11 3.14 0.35
N VAL B 92 -39.97 3.80 0.20
CA VAL B 92 -38.67 3.14 0.41
C VAL B 92 -38.02 3.41 1.76
N LYS B 93 -38.02 4.69 2.20
CA LYS B 93 -37.37 5.09 3.47
C LYS B 93 -37.66 4.19 4.67
N GLY B 94 -36.60 3.70 5.32
CA GLY B 94 -36.77 2.84 6.49
C GLY B 94 -36.79 1.35 6.19
N ARG B 95 -36.61 0.99 4.92
CA ARG B 95 -36.65 -0.39 4.45
C ARG B 95 -35.30 -0.80 3.86
N ARG B 96 -34.89 -2.05 4.08
CA ARG B 96 -33.80 -2.67 3.33
C ARG B 96 -34.16 -2.77 1.85
N VAL B 97 -33.21 -2.38 1.02
CA VAL B 97 -33.32 -2.34 -0.44
C VAL B 97 -32.28 -3.35 -0.97
N TYR B 98 -32.72 -4.24 -1.86
CA TYR B 98 -31.91 -5.29 -2.48
C TYR B 98 -31.69 -4.83 -3.91
N GLY B 99 -30.43 -4.70 -4.30
CA GLY B 99 -30.05 -4.17 -5.61
C GLY B 99 -29.10 -5.08 -6.39
N GLN B 100 -29.13 -4.90 -7.71
CA GLN B 100 -28.24 -5.60 -8.67
C GLN B 100 -27.79 -4.56 -9.69
N VAL B 101 -26.49 -4.55 -10.01
CA VAL B 101 -25.93 -3.59 -10.96
C VAL B 101 -25.16 -4.35 -12.02
N GLY B 102 -25.54 -4.16 -13.27
CA GLY B 102 -24.95 -4.97 -14.35
C GLY B 102 -23.59 -4.41 -14.79
N PHE B 103 -22.69 -5.27 -15.29
CA PHE B 103 -21.35 -4.85 -15.72
C PHE B 103 -21.31 -3.53 -16.49
N ASN B 104 -22.25 -3.39 -17.43
CA ASN B 104 -22.33 -2.25 -18.36
C ASN B 104 -22.67 -0.91 -17.73
N PHE B 105 -23.07 -0.91 -16.46
CA PHE B 105 -23.23 0.33 -15.71
C PHE B 105 -22.01 1.26 -15.84
N ALA B 106 -20.80 0.69 -15.70
CA ALA B 106 -19.53 1.40 -15.96
C ALA B 106 -19.53 2.16 -17.29
N ALA B 107 -19.31 1.46 -18.39
CA ALA B 107 -19.28 2.08 -19.70
C ALA B 107 -20.32 3.20 -19.85
N HIS B 108 -21.54 2.95 -19.36
CA HIS B 108 -22.65 3.90 -19.48
C HIS B 108 -22.40 5.18 -18.72
N ALA B 109 -22.06 5.03 -17.44
CA ALA B 109 -21.73 6.13 -16.57
C ALA B 109 -20.66 6.97 -17.27
N ARG B 110 -19.61 6.31 -17.73
CA ARG B 110 -18.43 6.94 -18.33
C ARG B 110 -18.58 7.40 -19.76
N GLY B 111 -19.80 7.58 -20.21
CA GLY B 111 -20.05 7.94 -21.59
C GLY B 111 -19.21 7.14 -22.58
N ILE B 112 -18.91 5.89 -22.26
CA ILE B 112 -18.26 4.99 -23.19
C ILE B 112 -19.38 4.24 -23.90
N ALA B 113 -19.22 4.01 -25.20
CA ALA B 113 -20.19 3.21 -25.94
C ALA B 113 -20.07 1.74 -25.57
N PHE B 114 -21.20 1.11 -25.30
CA PHE B 114 -21.24 -0.32 -25.04
C PHE B 114 -22.30 -1.00 -25.88
N ASN B 115 -22.12 -2.30 -26.08
CA ASN B 115 -23.19 -3.13 -26.64
C ASN B 115 -24.07 -3.62 -25.49
N ALA B 116 -25.37 -3.33 -25.58
CA ALA B 116 -26.28 -3.71 -24.49
C ALA B 116 -26.48 -5.22 -24.51
N GLY B 117 -26.56 -5.83 -23.33
CA GLY B 117 -27.02 -7.19 -23.25
C GLY B 117 -28.52 -7.14 -23.05
N GLU B 118 -29.05 -8.21 -22.47
CA GLU B 118 -30.46 -8.39 -22.19
C GLU B 118 -30.87 -8.04 -20.76
N TRP B 119 -29.95 -8.09 -19.80
CA TRP B 119 -30.30 -7.83 -18.38
C TRP B 119 -30.33 -6.31 -18.11
N PRO B 120 -31.18 -5.88 -17.15
CA PRO B 120 -31.17 -4.46 -16.79
C PRO B 120 -29.81 -3.96 -16.33
N LEU B 121 -29.54 -2.69 -16.55
CA LEU B 121 -28.31 -2.08 -16.05
C LEU B 121 -28.28 -2.04 -14.51
N LEU B 122 -29.43 -1.78 -13.90
CA LEU B 122 -29.53 -1.62 -12.46
C LEU B 122 -30.99 -1.75 -12.07
N THR B 123 -31.22 -2.45 -10.97
CA THR B 123 -32.52 -2.49 -10.31
C THR B 123 -32.33 -2.40 -8.82
N LEU B 124 -33.30 -1.76 -8.16
CA LEU B 124 -33.40 -1.68 -6.72
C LEU B 124 -34.80 -2.11 -6.33
N THR B 125 -34.92 -3.00 -5.33
CA THR B 125 -36.22 -3.54 -4.94
C THR B 125 -36.40 -3.54 -3.43
N VAL B 126 -37.54 -3.01 -2.98
CA VAL B 126 -38.02 -3.21 -1.62
C VAL B 126 -38.98 -4.41 -1.75
N PRO B 127 -38.67 -5.52 -1.06
CA PRO B 127 -39.54 -6.68 -1.16
C PRO B 127 -40.88 -6.47 -0.43
N ARG B 128 -41.84 -7.36 -0.66
CA ARG B 128 -43.14 -7.28 0.01
C ARG B 128 -43.02 -7.95 1.35
N GLU B 129 -42.22 -8.99 1.41
CA GLU B 129 -42.02 -9.71 2.67
C GLU B 129 -40.56 -9.98 2.88
N GLU B 130 -40.19 -10.16 4.13
CA GLU B 130 -38.81 -10.34 4.51
C GLU B 130 -38.68 -11.34 5.65
N LEU B 131 -37.58 -12.09 5.62
CA LEU B 131 -37.20 -12.99 6.68
C LEU B 131 -35.74 -12.73 6.94
N ILE B 132 -35.38 -12.61 8.21
CA ILE B 132 -33.97 -12.41 8.57
C ILE B 132 -33.58 -13.52 9.56
N PHE B 133 -32.69 -14.41 9.12
CA PHE B 133 -32.14 -15.45 9.97
C PHE B 133 -30.84 -15.03 10.62
N GLU B 134 -30.76 -15.19 11.93
CA GLU B 134 -29.56 -14.86 12.66
C GLU B 134 -29.37 -15.81 13.82
N LYS B 135 -28.35 -16.65 13.72
CA LYS B 135 -27.97 -17.57 14.79
C LYS B 135 -29.19 -18.28 15.40
N GLY B 136 -29.93 -19.01 14.55
CA GLY B 136 -31.04 -19.87 14.99
C GLY B 136 -32.37 -19.18 15.25
N ASN B 137 -32.39 -17.85 15.16
CA ASN B 137 -33.61 -17.06 15.28
C ASN B 137 -34.00 -16.44 13.95
N VAL B 138 -35.29 -16.26 13.74
CA VAL B 138 -35.79 -15.60 12.53
C VAL B 138 -36.81 -14.51 12.87
N THR B 139 -36.67 -13.36 12.22
CA THR B 139 -37.65 -12.29 12.24
C THR B 139 -38.38 -12.23 10.90
N VAL B 140 -39.71 -12.30 10.93
CA VAL B 140 -40.54 -12.24 9.70
C VAL B 140 -41.28 -10.90 9.59
N TYR B 141 -41.25 -10.28 8.40
CA TYR B 141 -42.11 -9.13 8.10
C TYR B 141 -43.07 -9.47 6.96
N ALA B 142 -44.39 -9.35 7.21
CA ALA B 142 -45.40 -9.67 6.20
C ALA B 142 -46.52 -8.64 6.16
N ASP B 143 -47.54 -8.89 5.34
CA ASP B 143 -48.76 -8.05 5.28
C ASP B 143 -49.96 -8.56 6.08
N PRO B 166 -26.40 -32.77 -9.09
CA PRO B 166 -24.95 -32.47 -9.25
C PRO B 166 -24.53 -32.47 -10.72
N LEU B 167 -24.44 -31.30 -11.30
CA LEU B 167 -24.07 -31.15 -12.70
C LEU B 167 -22.61 -31.59 -12.90
N ALA B 168 -22.27 -32.14 -14.07
CA ALA B 168 -20.89 -32.36 -14.39
C ALA B 168 -20.55 -31.28 -15.36
N VAL B 169 -19.53 -30.51 -15.03
CA VAL B 169 -19.15 -29.35 -15.80
C VAL B 169 -17.65 -29.50 -16.01
N ASP B 170 -17.25 -29.58 -17.27
CA ASP B 170 -15.84 -29.70 -17.62
C ASP B 170 -15.31 -28.28 -17.81
N THR B 171 -14.43 -27.80 -16.91
CA THR B 171 -13.92 -26.43 -17.05
C THR B 171 -12.77 -26.29 -18.04
N ALA B 172 -12.26 -27.43 -18.52
CA ALA B 172 -11.23 -27.44 -19.56
C ALA B 172 -11.81 -27.23 -20.95
N LEU B 173 -13.09 -27.55 -21.14
CA LEU B 173 -13.69 -27.42 -22.47
C LEU B 173 -13.60 -26.00 -22.98
N ASN B 174 -13.12 -25.85 -24.22
CA ASN B 174 -12.92 -24.56 -24.90
C ASN B 174 -11.75 -23.71 -24.36
N GLY B 175 -10.82 -24.36 -23.66
CA GLY B 175 -9.72 -23.67 -23.00
C GLY B 175 -8.80 -22.99 -23.99
N GLU B 176 -8.76 -23.59 -25.18
CA GLU B 176 -7.96 -23.13 -26.31
C GLU B 176 -8.33 -21.75 -26.81
N ALA B 177 -9.63 -21.51 -26.98
CA ALA B 177 -10.15 -20.20 -27.43
C ALA B 177 -9.83 -19.09 -26.44
N TYR B 178 -9.94 -19.41 -25.13
CA TYR B 178 -9.66 -18.46 -24.07
C TYR B 178 -8.17 -18.06 -24.08
N LYS B 179 -7.30 -19.06 -24.16
CA LYS B 179 -5.83 -18.86 -24.29
C LYS B 179 -5.42 -17.84 -25.35
N GLN B 180 -6.13 -17.86 -26.48
CA GLN B 180 -5.92 -16.91 -27.58
C GLN B 180 -6.40 -15.50 -27.23
N GLN B 181 -7.50 -15.43 -26.48
CA GLN B 181 -7.99 -14.16 -25.94
C GLN B 181 -6.94 -13.56 -25.00
N VAL B 182 -6.35 -14.40 -24.13
CA VAL B 182 -5.27 -13.95 -23.20
C VAL B 182 -4.02 -13.47 -23.98
N ALA B 183 -3.56 -14.32 -24.91
CA ALA B 183 -2.50 -13.97 -25.87
C ALA B 183 -2.70 -12.64 -26.57
N ARG B 184 -3.92 -12.39 -27.02
CA ARG B 184 -4.26 -11.11 -27.64
C ARG B 184 -4.18 -9.92 -26.66
N ALA B 185 -4.71 -10.10 -25.44
CA ALA B 185 -4.60 -9.11 -24.37
C ALA B 185 -3.15 -8.80 -24.05
N VAL B 186 -2.36 -9.84 -23.86
CA VAL B 186 -0.93 -9.70 -23.55
C VAL B 186 -0.20 -8.91 -24.65
N ALA B 187 -0.52 -9.21 -25.91
CA ALA B 187 0.15 -8.59 -27.03
C ALA B 187 -0.28 -7.14 -27.08
N GLU B 188 -1.52 -6.89 -26.69
CA GLU B 188 -2.06 -5.55 -26.74
C GLU B 188 -1.44 -4.67 -25.67
N ILE B 189 -1.20 -5.27 -24.52
CA ILE B 189 -0.49 -4.62 -23.40
C ILE B 189 0.96 -4.34 -23.80
N ARG B 190 1.63 -5.33 -24.36
CA ARG B 190 3.01 -5.17 -24.82
C ARG B 190 3.14 -4.10 -25.95
N ARG B 191 2.07 -3.89 -26.72
CA ARG B 191 1.98 -2.73 -27.66
C ARG B 191 1.63 -1.41 -26.98
N GLY B 192 1.44 -1.42 -25.66
CA GLY B 192 1.16 -0.21 -24.88
C GLY B 192 -0.26 0.32 -24.91
N GLU B 193 -1.24 -0.54 -25.24
CA GLU B 193 -2.65 -0.12 -25.34
C GLU B 193 -3.33 0.14 -23.98
N TYR B 194 -3.00 -0.69 -22.99
CA TYR B 194 -3.45 -0.51 -21.62
C TYR B 194 -2.45 -1.34 -20.77
N VAL B 195 -2.61 -1.36 -19.44
CA VAL B 195 -1.65 -2.04 -18.55
C VAL B 195 -2.20 -3.40 -18.08
N LYS B 196 -3.49 -3.42 -17.81
CA LYS B 196 -4.13 -4.57 -17.22
C LYS B 196 -5.54 -4.70 -17.73
N VAL B 197 -5.95 -5.93 -18.01
CA VAL B 197 -7.36 -6.20 -18.34
C VAL B 197 -7.77 -7.55 -17.79
N ILE B 198 -9.02 -7.63 -17.32
CA ILE B 198 -9.61 -8.94 -16.95
C ILE B 198 -10.31 -9.50 -18.17
N VAL B 199 -9.79 -10.63 -18.65
CA VAL B 199 -10.41 -11.39 -19.73
C VAL B 199 -11.13 -12.59 -19.07
N SER B 200 -12.42 -12.71 -19.38
CA SER B 200 -13.19 -13.81 -18.82
C SER B 200 -13.77 -14.73 -19.91
N ARG B 201 -14.15 -15.91 -19.45
CA ARG B 201 -14.76 -16.94 -20.26
C ARG B 201 -16.09 -17.34 -19.62
N ALA B 202 -17.16 -17.39 -20.42
CA ALA B 202 -18.45 -17.98 -20.02
C ALA B 202 -18.54 -19.50 -20.28
N ILE B 203 -18.94 -20.26 -19.27
CA ILE B 203 -19.10 -21.70 -19.47
C ILE B 203 -20.61 -22.00 -19.54
N PRO B 204 -21.16 -22.19 -20.76
CA PRO B 204 -22.55 -22.65 -20.90
C PRO B 204 -22.83 -23.90 -20.12
N LEU B 205 -23.99 -23.98 -19.50
CA LEU B 205 -24.31 -25.16 -18.73
C LEU B 205 -25.37 -26.00 -19.48
N PRO B 206 -25.34 -27.34 -19.28
CA PRO B 206 -26.28 -28.30 -19.92
C PRO B 206 -27.73 -28.12 -19.50
N SER B 207 -27.97 -27.81 -18.21
CA SER B 207 -29.31 -27.47 -17.74
C SER B 207 -29.40 -26.31 -16.74
N ARG B 208 -30.65 -25.87 -16.54
CA ARG B 208 -31.06 -25.02 -15.42
C ARG B 208 -30.71 -25.67 -14.11
N ILE B 209 -30.32 -24.84 -13.15
CA ILE B 209 -29.87 -25.37 -11.88
C ILE B 209 -30.94 -25.17 -10.82
N ASP B 210 -30.91 -26.03 -9.81
CA ASP B 210 -31.70 -25.90 -8.60
C ASP B 210 -31.01 -24.88 -7.64
N MET B 211 -31.59 -23.69 -7.52
CA MET B 211 -30.99 -22.60 -6.67
C MET B 211 -30.83 -22.87 -5.16
N PRO B 212 -31.89 -23.34 -4.46
CA PRO B 212 -31.76 -23.67 -3.04
C PRO B 212 -30.73 -24.76 -2.74
N ALA B 213 -30.70 -25.81 -3.57
CA ALA B 213 -29.66 -26.85 -3.40
C ALA B 213 -28.26 -26.34 -3.77
N THR B 214 -28.16 -25.54 -4.83
CA THR B 214 -26.86 -24.91 -5.16
C THR B 214 -26.38 -24.00 -4.02
N LEU B 215 -27.28 -23.16 -3.49
CA LEU B 215 -26.92 -22.29 -2.34
C LEU B 215 -26.31 -23.08 -1.19
N LEU B 216 -27.03 -24.13 -0.79
CA LEU B 216 -26.66 -24.96 0.35
C LEU B 216 -25.30 -25.69 0.23
N TYR B 217 -25.11 -26.43 -0.86
CA TYR B 217 -23.85 -27.16 -1.12
C TYR B 217 -22.68 -26.22 -1.45
N GLY B 218 -22.94 -25.20 -2.26
CA GLY B 218 -21.92 -24.23 -2.63
C GLY B 218 -21.41 -23.39 -1.48
N ARG B 219 -22.31 -23.00 -0.57
CA ARG B 219 -21.93 -22.17 0.60
C ARG B 219 -20.98 -22.87 1.57
N GLN B 220 -21.27 -24.13 1.88
CA GLN B 220 -20.47 -24.80 2.90
C GLN B 220 -19.07 -25.16 2.39
N ALA B 221 -18.90 -25.11 1.07
CA ALA B 221 -17.59 -25.24 0.41
C ALA B 221 -16.85 -23.90 0.18
N ASN B 222 -17.39 -22.78 0.66
CA ASN B 222 -16.79 -21.44 0.40
C ASN B 222 -16.66 -20.62 1.67
N THR B 223 -15.84 -19.57 1.63
CA THR B 223 -15.79 -18.59 2.73
C THR B 223 -15.80 -17.23 2.08
N PRO B 224 -16.99 -16.80 1.59
CA PRO B 224 -17.09 -15.59 0.75
C PRO B 224 -17.27 -14.34 1.61
N VAL B 225 -17.05 -13.14 1.08
CA VAL B 225 -17.40 -11.96 1.89
C VAL B 225 -18.94 -11.82 2.04
N ARG B 226 -19.68 -12.17 0.98
CA ARG B 226 -21.16 -12.13 0.97
C ARG B 226 -21.63 -13.27 0.07
N SER B 227 -22.80 -13.80 0.36
CA SER B 227 -23.50 -14.75 -0.57
C SER B 227 -24.77 -14.09 -1.05
N PHE B 228 -25.26 -14.49 -2.23
CA PHE B 228 -26.47 -13.91 -2.77
C PHE B 228 -27.21 -14.88 -3.66
N MET B 229 -28.49 -14.64 -3.78
CA MET B 229 -29.27 -15.26 -4.85
C MET B 229 -30.45 -14.29 -5.07
N PHE B 230 -30.83 -14.08 -6.33
CA PHE B 230 -32.04 -13.32 -6.64
C PHE B 230 -32.81 -13.97 -7.80
N ARG B 231 -34.11 -13.76 -7.82
CA ARG B 231 -34.89 -14.06 -9.03
C ARG B 231 -35.76 -12.87 -9.25
N GLN B 232 -35.74 -12.37 -10.48
CA GLN B 232 -36.48 -11.21 -10.83
C GLN B 232 -36.70 -11.24 -12.35
N GLU B 233 -37.96 -11.09 -12.76
CA GLU B 233 -38.37 -10.98 -14.16
C GLU B 233 -37.71 -12.02 -15.07
N GLY B 234 -37.83 -13.28 -14.68
CA GLY B 234 -37.29 -14.40 -15.45
C GLY B 234 -35.78 -14.61 -15.44
N ARG B 235 -35.06 -13.76 -14.72
CA ARG B 235 -33.58 -13.88 -14.57
C ARG B 235 -33.16 -14.23 -13.15
N GLU B 236 -32.15 -15.08 -13.04
CA GLU B 236 -31.67 -15.58 -11.77
C GLU B 236 -30.17 -15.58 -11.70
N ALA B 237 -29.63 -15.41 -10.49
CA ALA B 237 -28.20 -15.51 -10.25
C ALA B 237 -28.00 -15.90 -8.83
N LEU B 238 -26.88 -16.57 -8.57
CA LEU B 238 -26.49 -16.98 -7.26
C LEU B 238 -24.98 -16.99 -7.25
N GLY B 239 -24.38 -16.62 -6.11
CA GLY B 239 -22.98 -16.79 -5.97
C GLY B 239 -22.34 -16.44 -4.65
N PHE B 240 -21.04 -16.67 -4.61
CA PHE B 240 -20.27 -16.49 -3.37
C PHE B 240 -19.22 -15.46 -3.61
N SER B 241 -19.61 -14.21 -3.37
CA SER B 241 -18.77 -13.05 -3.65
C SER B 241 -17.46 -13.09 -2.87
N PRO B 242 -16.33 -13.01 -3.56
CA PRO B 242 -15.05 -13.00 -2.86
C PRO B 242 -14.64 -11.60 -2.37
N GLU B 243 -15.23 -10.53 -2.91
CA GLU B 243 -14.84 -9.18 -2.53
C GLU B 243 -15.96 -8.19 -2.51
N LEU B 244 -15.78 -7.19 -1.65
CA LEU B 244 -16.71 -6.10 -1.49
C LEU B 244 -16.27 -4.96 -2.38
N VAL B 245 -17.14 -4.57 -3.30
CA VAL B 245 -16.90 -3.37 -4.10
C VAL B 245 -16.72 -2.17 -3.15
N MET B 246 -17.58 -2.09 -2.14
CA MET B 246 -17.69 -0.91 -1.30
C MET B 246 -18.59 -1.20 -0.14
N SER B 247 -18.22 -0.65 1.02
CA SER B 247 -19.10 -0.46 2.18
C SER B 247 -19.03 1.01 2.63
N VAL B 248 -20.17 1.67 2.78
CA VAL B 248 -20.28 3.02 3.37
C VAL B 248 -21.19 2.94 4.60
N THR B 249 -20.68 3.36 5.76
CA THR B 249 -21.50 3.60 6.96
C THR B 249 -21.29 5.06 7.37
N GLY B 250 -22.36 5.83 7.41
CA GLY B 250 -22.24 7.28 7.56
C GLY B 250 -21.32 7.89 6.50
N ASN B 251 -20.25 8.54 6.97
CA ASN B 251 -19.30 9.21 6.06
C ASN B 251 -18.10 8.36 5.61
N LYS B 252 -17.90 7.21 6.26
CA LYS B 252 -16.74 6.33 5.95
C LYS B 252 -16.93 5.26 4.88
N VAL B 253 -16.13 5.38 3.82
CA VAL B 253 -16.14 4.45 2.70
C VAL B 253 -14.92 3.52 2.69
N VAL B 254 -15.20 2.20 2.71
CA VAL B 254 -14.21 1.14 2.61
C VAL B 254 -14.36 0.38 1.25
N THR B 255 -13.21 0.08 0.64
CA THR B 255 -13.13 -0.76 -0.56
C THR B 255 -12.05 -1.81 -0.31
N GLU B 256 -12.27 -3.03 -0.80
CA GLU B 256 -11.30 -4.07 -0.53
C GLU B 256 -10.88 -4.83 -1.78
N PRO B 257 -10.01 -4.19 -2.61
CA PRO B 257 -9.57 -4.83 -3.85
C PRO B 257 -8.81 -6.15 -3.58
N LEU B 258 -9.21 -7.23 -4.26
CA LEU B 258 -8.52 -8.52 -4.27
C LEU B 258 -7.98 -8.72 -5.66
N ALA B 259 -6.74 -9.21 -5.77
CA ALA B 259 -6.09 -9.44 -7.07
C ALA B 259 -4.85 -10.23 -6.79
N GLY B 260 -4.58 -11.25 -7.60
CA GLY B 260 -3.44 -12.11 -7.36
C GLY B 260 -4.04 -13.38 -6.74
N THR B 261 -3.69 -14.54 -7.30
CA THR B 261 -4.36 -15.81 -6.95
C THR B 261 -3.41 -16.99 -6.92
N ARG B 262 -3.64 -17.87 -5.95
CA ARG B 262 -3.17 -19.25 -5.98
C ARG B 262 -4.32 -20.16 -5.53
N ASP B 263 -4.25 -21.46 -5.85
CA ASP B 263 -5.24 -22.37 -5.24
C ASP B 263 -5.09 -22.57 -3.73
N ARG B 264 -6.20 -22.98 -3.11
CA ARG B 264 -6.17 -23.59 -1.81
C ARG B 264 -7.01 -24.88 -1.83
N MET B 265 -6.83 -25.66 -2.91
CA MET B 265 -7.59 -26.86 -3.15
C MET B 265 -7.00 -28.16 -2.53
N GLY B 266 -5.98 -28.02 -1.68
CA GLY B 266 -5.21 -29.16 -1.19
C GLY B 266 -5.24 -29.30 0.31
N ASN B 267 -4.19 -29.90 0.88
CA ASN B 267 -4.13 -30.09 2.34
C ASN B 267 -3.58 -28.81 2.98
N PRO B 268 -3.71 -28.67 4.31
CA PRO B 268 -3.27 -27.39 4.91
C PRO B 268 -1.79 -27.01 4.65
N GLU B 269 -0.93 -27.99 4.37
CA GLU B 269 0.49 -27.74 4.08
C GLU B 269 0.72 -27.34 2.62
N HIS B 270 0.01 -27.99 1.71
CA HIS B 270 -0.06 -27.53 0.32
C HIS B 270 -0.57 -26.07 0.28
N ASN B 271 -1.65 -25.80 1.00
CA ASN B 271 -2.29 -24.48 1.01
C ASN B 271 -1.39 -23.42 1.61
N LYS B 272 -0.66 -23.77 2.67
CA LYS B 272 0.29 -22.86 3.33
C LYS B 272 1.47 -22.49 2.42
N ALA B 273 1.98 -23.49 1.71
CA ALA B 273 2.96 -23.31 0.64
C ALA B 273 2.46 -22.36 -0.45
N LYS B 274 1.24 -22.58 -0.92
CA LYS B 274 0.67 -21.72 -1.96
C LYS B 274 0.52 -20.28 -1.46
N GLU B 275 0.21 -20.12 -0.17
CA GLU B 275 0.05 -18.81 0.45
C GLU B 275 1.38 -18.01 0.44
N ALA B 276 2.48 -18.64 0.87
CA ALA B 276 3.80 -18.02 0.93
C ALA B 276 4.26 -17.66 -0.49
N GLU B 277 4.05 -18.60 -1.41
CA GLU B 277 4.34 -18.42 -2.82
C GLU B 277 3.59 -17.23 -3.47
N LEU B 278 2.29 -17.10 -3.17
CA LEU B 278 1.47 -15.96 -3.63
C LEU B 278 2.07 -14.63 -3.16
N LEU B 279 2.42 -14.60 -1.89
CA LEU B 279 2.85 -13.40 -1.20
C LEU B 279 4.17 -12.79 -1.71
N HIS B 280 4.97 -13.63 -2.36
CA HIS B 280 6.32 -13.28 -2.74
C HIS B 280 6.50 -13.38 -4.26
N ASP B 281 5.43 -13.72 -4.98
CA ASP B 281 5.56 -13.84 -6.42
C ASP B 281 5.45 -12.47 -7.02
N SER B 282 6.48 -12.05 -7.78
CA SER B 282 6.57 -10.70 -8.32
C SER B 282 5.42 -10.39 -9.30
N LYS B 283 5.06 -11.33 -10.16
CA LYS B 283 3.88 -11.18 -11.03
C LYS B 283 2.58 -10.94 -10.21
N GLU B 284 2.36 -11.73 -9.16
CA GLU B 284 1.14 -11.60 -8.33
C GLU B 284 1.13 -10.30 -7.53
N VAL B 285 2.28 -9.96 -7.00
CA VAL B 285 2.42 -8.76 -6.19
C VAL B 285 2.20 -7.52 -7.09
N LEU B 286 2.75 -7.54 -8.29
CA LEU B 286 2.51 -6.42 -9.19
C LEU B 286 1.02 -6.32 -9.59
N GLU B 287 0.44 -7.46 -9.90
CA GLU B 287 -0.96 -7.50 -10.35
C GLU B 287 -1.85 -6.94 -9.26
N HIS B 288 -1.50 -7.23 -8.01
CA HIS B 288 -2.22 -6.72 -6.82
C HIS B 288 -2.08 -5.21 -6.61
N ILE B 289 -0.85 -4.73 -6.54
CA ILE B 289 -0.60 -3.35 -6.19
C ILE B 289 -1.13 -2.40 -7.29
N LEU B 290 -1.05 -2.81 -8.54
CA LEU B 290 -1.58 -1.98 -9.64
C LEU B 290 -3.05 -1.69 -9.38
N SER B 291 -3.79 -2.71 -8.94
CA SER B 291 -5.23 -2.53 -8.67
C SER B 291 -5.49 -1.73 -7.41
N VAL B 292 -4.68 -1.93 -6.37
CA VAL B 292 -4.84 -1.13 -5.15
C VAL B 292 -4.66 0.36 -5.41
N LYS B 293 -3.66 0.72 -6.19
CA LYS B 293 -3.36 2.12 -6.44
C LYS B 293 -4.46 2.70 -7.29
N GLU B 294 -5.01 1.92 -8.23
CA GLU B 294 -6.19 2.44 -8.92
C GLU B 294 -7.33 2.68 -7.96
N ALA B 295 -7.57 1.74 -7.02
CA ALA B 295 -8.64 1.91 -6.00
C ALA B 295 -8.46 3.16 -5.14
N ILE B 296 -7.20 3.43 -4.80
CA ILE B 296 -6.85 4.59 -3.96
C ILE B 296 -7.15 5.89 -4.75
N ALA B 297 -6.62 6.00 -5.95
CA ALA B 297 -6.92 7.16 -6.81
C ALA B 297 -8.47 7.38 -6.96
N GLU B 298 -9.23 6.32 -7.22
CA GLU B 298 -10.71 6.41 -7.34
C GLU B 298 -11.34 7.00 -6.05
N LEU B 299 -10.95 6.47 -4.90
CA LEU B 299 -11.47 6.93 -3.61
C LEU B 299 -11.08 8.38 -3.27
N GLU B 300 -9.95 8.83 -3.80
CA GLU B 300 -9.44 10.18 -3.52
C GLU B 300 -10.28 11.27 -4.19
N ALA B 301 -10.93 10.93 -5.31
CA ALA B 301 -11.83 11.79 -6.07
C ALA B 301 -13.14 12.14 -5.37
N VAL B 302 -13.45 11.48 -4.25
CA VAL B 302 -14.74 11.66 -3.57
C VAL B 302 -14.58 11.80 -2.07
N CYS B 303 -13.33 11.84 -1.61
CA CYS B 303 -13.01 11.85 -0.17
C CYS B 303 -12.25 13.12 0.29
N LEU B 304 -12.35 13.44 1.57
CA LEU B 304 -11.48 14.46 2.19
C LEU B 304 -9.99 14.15 1.91
N PRO B 305 -9.24 15.14 1.33
CA PRO B 305 -7.77 15.00 1.19
C PRO B 305 -7.09 14.50 2.45
N GLY B 306 -6.29 13.42 2.33
CA GLY B 306 -5.58 12.80 3.47
C GLY B 306 -6.33 11.76 4.30
N SER B 307 -7.62 11.58 4.01
CA SER B 307 -8.42 10.54 4.67
C SER B 307 -8.27 9.14 4.04
N VAL B 308 -7.81 9.07 2.80
CA VAL B 308 -7.65 7.77 2.09
C VAL B 308 -6.32 7.11 2.45
N VAL B 309 -6.43 6.03 3.20
CA VAL B 309 -5.29 5.28 3.66
C VAL B 309 -5.53 3.78 3.43
N VAL B 310 -4.45 3.01 3.43
CA VAL B 310 -4.50 1.54 3.37
C VAL B 310 -4.36 1.00 4.79
N GLU B 311 -5.42 0.35 5.26
CA GLU B 311 -5.48 -0.13 6.62
C GLU B 311 -4.90 -1.53 6.69
N ASP B 312 -4.89 -2.19 5.54
CA ASP B 312 -4.43 -3.55 5.50
C ASP B 312 -3.80 -3.74 4.14
N LEU B 313 -2.47 -3.88 4.11
CA LEU B 313 -1.73 -3.96 2.86
C LEU B 313 -1.47 -5.40 2.43
N MET B 314 -2.08 -5.82 1.34
CA MET B 314 -1.67 -7.05 0.66
C MET B 314 -1.48 -8.26 1.60
N SER B 315 -2.54 -8.66 2.28
CA SER B 315 -2.50 -9.90 3.04
C SER B 315 -3.32 -10.96 2.26
N VAL B 316 -3.07 -12.25 2.53
CA VAL B 316 -3.80 -13.36 1.88
C VAL B 316 -5.21 -13.62 2.46
N ARG B 317 -6.20 -13.72 1.58
CA ARG B 317 -7.60 -13.92 1.97
C ARG B 317 -8.03 -15.28 1.40
N GLN B 318 -8.63 -16.15 2.23
CA GLN B 318 -9.03 -17.50 1.77
C GLN B 318 -10.46 -17.46 1.20
N ARG B 319 -10.65 -17.92 -0.04
CA ARG B 319 -11.94 -17.88 -0.73
C ARG B 319 -12.32 -19.20 -1.40
N GLY B 320 -12.60 -20.21 -0.56
CA GLY B 320 -13.12 -21.49 -1.08
C GLY B 320 -12.07 -22.27 -1.82
N SER B 321 -12.10 -22.25 -3.16
CA SER B 321 -11.06 -22.94 -3.94
C SER B 321 -9.77 -22.16 -4.21
N VAL B 322 -9.76 -20.86 -3.88
CA VAL B 322 -8.66 -19.98 -4.19
C VAL B 322 -8.40 -19.06 -3.01
N GLN B 323 -7.19 -18.52 -2.95
CA GLN B 323 -6.76 -17.50 -2.01
C GLN B 323 -6.12 -16.35 -2.84
N HIS B 324 -6.30 -15.13 -2.38
CA HIS B 324 -5.98 -13.97 -3.14
C HIS B 324 -5.22 -13.04 -2.24
N LEU B 325 -4.47 -12.11 -2.83
CA LEU B 325 -3.98 -10.95 -2.07
C LEU B 325 -5.11 -9.97 -1.97
N GLY B 326 -5.28 -9.38 -0.79
CA GLY B 326 -6.30 -8.34 -0.65
C GLY B 326 -5.69 -7.20 0.13
N SER B 327 -6.12 -5.97 -0.17
CA SER B 327 -5.78 -4.84 0.68
C SER B 327 -7.07 -4.14 1.04
N GLY B 328 -7.09 -3.57 2.25
CA GLY B 328 -8.25 -2.81 2.74
C GLY B 328 -7.92 -1.34 2.71
N VAL B 329 -8.69 -0.59 1.92
CA VAL B 329 -8.48 0.84 1.71
C VAL B 329 -9.73 1.55 2.28
N SER B 330 -9.50 2.63 3.02
CA SER B 330 -10.62 3.43 3.53
C SER B 330 -10.48 4.92 3.27
N GLY B 331 -11.57 5.65 3.41
CA GLY B 331 -11.63 7.07 3.10
C GLY B 331 -12.79 7.73 3.84
N GLN B 332 -12.76 9.05 3.89
CA GLN B 332 -13.84 9.87 4.44
C GLN B 332 -14.49 10.61 3.31
N LEU B 333 -15.81 10.42 3.13
CA LEU B 333 -16.48 11.10 2.02
C LEU B 333 -16.44 12.61 2.21
N ALA B 334 -16.07 13.34 1.15
CA ALA B 334 -16.21 14.80 1.07
C ALA B 334 -17.69 15.25 1.29
N GLU B 335 -17.89 16.52 1.63
CA GLU B 335 -19.24 17.08 1.87
C GLU B 335 -20.13 17.14 0.61
N ASN B 336 -19.52 17.33 -0.55
CA ASN B 336 -20.29 17.32 -1.80
C ASN B 336 -20.56 15.94 -2.39
N LYS B 337 -20.24 14.87 -1.64
CA LYS B 337 -20.33 13.48 -2.17
C LYS B 337 -21.04 12.46 -1.26
N ASP B 338 -21.82 11.56 -1.86
CA ASP B 338 -22.45 10.46 -1.13
C ASP B 338 -22.00 9.04 -1.61
N ALA B 339 -22.57 8.01 -0.98
CA ALA B 339 -22.35 6.60 -1.34
C ALA B 339 -22.55 6.31 -2.83
N TRP B 340 -23.55 6.97 -3.45
CA TRP B 340 -23.77 6.88 -4.91
C TRP B 340 -22.61 7.42 -5.70
N ASP B 341 -21.94 8.44 -5.16
CA ASP B 341 -20.78 9.06 -5.80
C ASP B 341 -19.58 8.10 -5.70
N ALA B 342 -19.38 7.53 -4.51
CA ALA B 342 -18.34 6.51 -4.25
C ALA B 342 -18.55 5.30 -5.18
N PHE B 343 -19.79 4.77 -5.23
CA PHE B 343 -20.09 3.63 -6.11
C PHE B 343 -19.80 3.87 -7.59
N THR B 344 -20.24 5.02 -8.10
CA THR B 344 -19.96 5.37 -9.48
C THR B 344 -18.44 5.39 -9.82
N VAL B 345 -17.61 5.87 -8.91
CA VAL B 345 -16.16 5.88 -9.17
C VAL B 345 -15.49 4.53 -8.90
N LEU B 346 -15.93 3.85 -7.83
CA LEU B 346 -15.38 2.54 -7.44
C LEU B 346 -15.70 1.40 -8.38
N PHE B 347 -16.90 1.42 -8.98
CA PHE B 347 -17.37 0.43 -9.95
C PHE B 347 -16.85 0.56 -11.42
N PRO B 348 -16.76 -0.59 -12.16
CA PRO B 348 -16.76 -2.00 -11.66
C PRO B 348 -15.48 -2.15 -10.90
N SER B 349 -15.22 -3.29 -10.26
CA SER B 349 -13.95 -3.42 -9.58
C SER B 349 -12.90 -3.32 -10.65
N ILE B 350 -11.92 -2.44 -10.37
CA ILE B 350 -10.65 -2.44 -11.10
C ILE B 350 -10.18 -3.90 -11.30
N THR B 351 -10.39 -4.72 -10.27
CA THR B 351 -10.04 -6.16 -10.28
C THR B 351 -10.90 -7.06 -11.21
N ALA B 352 -11.88 -6.44 -11.89
CA ALA B 352 -12.86 -7.06 -12.82
C ALA B 352 -12.81 -6.36 -14.19
N SER B 353 -12.17 -5.19 -14.26
CA SER B 353 -12.13 -4.38 -15.48
C SER B 353 -10.69 -4.27 -16.01
N GLY B 354 -9.94 -3.26 -15.53
CA GLY B 354 -8.56 -3.08 -15.90
C GLY B 354 -8.01 -1.67 -15.68
N ILE B 355 -6.87 -1.41 -16.29
CA ILE B 355 -6.09 -0.19 -16.07
C ILE B 355 -5.42 0.26 -17.35
N PRO B 356 -5.68 1.51 -17.79
CA PRO B 356 -6.73 2.39 -17.24
C PRO B 356 -8.11 1.78 -17.53
N LYS B 357 -9.06 2.08 -16.66
CA LYS B 357 -10.41 1.54 -16.66
C LYS B 357 -11.10 1.66 -18.04
N ASN B 358 -11.08 2.85 -18.63
CA ASN B 358 -11.81 3.08 -19.90
C ASN B 358 -11.29 2.24 -21.04
N ALA B 359 -9.97 2.19 -21.17
CA ALA B 359 -9.31 1.36 -22.17
C ALA B 359 -9.53 -0.12 -21.90
N ALA B 360 -9.54 -0.50 -20.62
CA ALA B 360 -9.79 -1.90 -20.29
C ALA B 360 -11.25 -2.30 -20.61
N LEU B 361 -12.19 -1.43 -20.28
CA LEU B 361 -13.58 -1.67 -20.66
C LEU B 361 -13.72 -1.81 -22.18
N ASN B 362 -13.04 -0.94 -22.95
CA ASN B 362 -13.07 -1.08 -24.43
C ASN B 362 -12.48 -2.39 -24.91
N ALA B 363 -11.33 -2.82 -24.36
CA ALA B 363 -10.72 -4.09 -24.74
C ALA B 363 -11.62 -5.26 -24.41
N ILE B 364 -12.26 -5.24 -23.24
CA ILE B 364 -13.20 -6.34 -22.85
C ILE B 364 -14.35 -6.48 -23.89
N MET B 365 -14.90 -5.35 -24.29
CA MET B 365 -15.99 -5.33 -25.27
C MET B 365 -15.59 -5.84 -26.65
N GLN B 366 -14.32 -5.60 -27.04
CA GLN B 366 -13.76 -6.06 -28.32
C GLN B 366 -13.29 -7.49 -28.25
N ILE B 367 -12.87 -7.93 -27.07
CA ILE B 367 -12.29 -9.28 -26.93
C ILE B 367 -13.35 -10.35 -26.58
N GLU B 368 -14.26 -10.03 -25.69
CA GLU B 368 -15.21 -11.05 -25.24
C GLU B 368 -16.44 -11.15 -26.16
N LYS B 369 -16.99 -12.35 -26.31
CA LYS B 369 -18.02 -12.57 -27.35
C LYS B 369 -19.46 -12.63 -26.84
N THR B 370 -19.60 -12.86 -25.54
CA THR B 370 -20.91 -12.91 -24.88
C THR B 370 -21.06 -11.72 -23.93
N PRO B 371 -22.31 -11.22 -23.74
CA PRO B 371 -22.45 -10.17 -22.74
C PRO B 371 -22.19 -10.70 -21.34
N ARG B 372 -21.53 -9.87 -20.52
CA ARG B 372 -21.24 -10.23 -19.10
C ARG B 372 -22.55 -10.25 -18.30
N GLU B 373 -23.47 -9.36 -18.68
CA GLU B 373 -24.71 -9.14 -17.94
C GLU B 373 -24.39 -8.70 -16.49
N LEU B 374 -24.71 -9.56 -15.52
CA LEU B 374 -24.42 -9.37 -14.11
C LEU B 374 -23.02 -9.89 -13.73
N TYR B 375 -22.36 -10.66 -14.59
CA TYR B 375 -21.01 -11.14 -14.20
C TYR B 375 -20.13 -9.93 -14.03
N SER B 376 -19.34 -9.91 -12.94
CA SER B 376 -18.50 -8.77 -12.56
C SER B 376 -19.25 -7.48 -12.26
N GLY B 377 -20.58 -7.58 -12.11
CA GLY B 377 -21.41 -6.46 -11.64
C GLY B 377 -21.41 -6.41 -10.13
N ALA B 378 -22.47 -5.84 -9.54
CA ALA B 378 -22.56 -5.75 -8.08
C ALA B 378 -23.95 -6.14 -7.56
N ILE B 379 -23.96 -6.71 -6.35
CA ILE B 379 -25.16 -6.96 -5.59
C ILE B 379 -25.09 -5.99 -4.42
N LEU B 380 -26.23 -5.33 -4.14
CA LEU B 380 -26.33 -4.27 -3.12
C LEU B 380 -27.32 -4.64 -2.06
N LEU B 381 -26.96 -4.35 -0.81
CA LEU B 381 -27.95 -4.33 0.26
C LEU B 381 -27.82 -2.95 0.93
N LEU B 382 -28.91 -2.19 0.90
CA LEU B 382 -28.91 -0.82 1.37
C LEU B 382 -29.98 -0.68 2.44
N ASP B 383 -29.58 -0.19 3.59
CA ASP B 383 -30.49 0.01 4.72
C ASP B 383 -30.27 1.43 5.25
N ASP B 384 -30.37 1.58 6.57
CA ASP B 384 -30.38 2.91 7.20
C ASP B 384 -28.96 3.42 7.38
N THR B 385 -28.24 2.73 8.27
CA THR B 385 -26.80 2.85 8.45
C THR B 385 -25.90 2.71 7.19
N ARG B 386 -26.20 1.71 6.35
CA ARG B 386 -25.18 1.14 5.45
C ARG B 386 -25.54 1.00 3.94
N PHE B 387 -24.53 1.18 3.10
CA PHE B 387 -24.53 0.84 1.67
C PHE B 387 -23.43 -0.23 1.47
N ASP B 388 -23.87 -1.47 1.31
CA ASP B 388 -23.03 -2.67 1.20
C ASP B 388 -23.07 -3.15 -0.27
N ALA B 389 -21.92 -3.26 -0.94
CA ALA B 389 -21.91 -3.73 -2.33
C ALA B 389 -20.90 -4.85 -2.55
N ALA B 390 -21.36 -5.99 -3.06
CA ALA B 390 -20.50 -7.15 -3.20
C ALA B 390 -20.23 -7.37 -4.69
N LEU B 391 -19.00 -7.76 -5.06
CA LEU B 391 -18.67 -8.02 -6.46
C LEU B 391 -19.18 -9.38 -6.97
N VAL B 392 -19.79 -9.40 -8.14
CA VAL B 392 -20.39 -10.65 -8.62
C VAL B 392 -19.31 -11.42 -9.38
N LEU B 393 -18.65 -12.34 -8.67
CA LEU B 393 -17.78 -13.32 -9.31
C LEU B 393 -18.12 -14.60 -8.58
N ARG B 394 -17.53 -15.74 -8.99
CA ARG B 394 -17.83 -17.05 -8.35
C ARG B 394 -19.35 -17.32 -8.28
N SER B 395 -20.00 -17.00 -9.39
CA SER B 395 -21.44 -16.95 -9.51
C SER B 395 -21.99 -17.70 -10.75
N VAL B 396 -23.27 -18.02 -10.69
CA VAL B 396 -23.98 -18.76 -11.74
C VAL B 396 -25.19 -17.92 -12.12
N PHE B 397 -25.43 -17.83 -13.42
CA PHE B 397 -26.55 -17.11 -14.02
C PHE B 397 -27.45 -18.03 -14.90
N GLN B 398 -28.73 -17.69 -14.94
CA GLN B 398 -29.69 -18.32 -15.85
C GLN B 398 -30.87 -17.40 -16.09
N ASP B 399 -31.28 -17.34 -17.35
CA ASP B 399 -32.45 -16.56 -17.83
C ASP B 399 -33.25 -17.39 -18.90
N SER B 400 -34.09 -16.73 -19.71
CA SER B 400 -34.91 -17.44 -20.72
C SER B 400 -34.07 -18.02 -21.86
N GLN B 401 -32.84 -17.50 -22.03
CA GLN B 401 -31.97 -17.83 -23.15
C GLN B 401 -30.72 -18.64 -22.77
N ARG B 402 -30.09 -18.34 -21.63
CA ARG B 402 -28.80 -18.97 -21.29
C ARG B 402 -28.80 -19.44 -19.82
N CYS B 403 -27.96 -20.42 -19.55
CA CYS B 403 -27.60 -20.80 -18.19
C CYS B 403 -26.08 -20.94 -18.23
N TRP B 404 -25.35 -20.21 -17.37
CA TRP B 404 -23.87 -20.21 -17.42
C TRP B 404 -23.16 -19.84 -16.15
N ILE B 405 -21.91 -20.31 -16.04
CA ILE B 405 -20.96 -19.73 -15.05
C ILE B 405 -19.90 -18.90 -15.79
N GLN B 406 -19.18 -18.09 -15.05
CA GLN B 406 -18.18 -17.22 -15.66
C GLN B 406 -17.02 -16.91 -14.70
N ALA B 407 -15.81 -16.86 -15.26
CA ALA B 407 -14.61 -16.50 -14.51
C ALA B 407 -13.57 -15.97 -15.44
N GLY B 408 -12.79 -15.01 -14.93
CA GLY B 408 -11.72 -14.41 -15.67
C GLY B 408 -10.43 -14.36 -14.92
N ALA B 409 -9.48 -13.58 -15.43
CA ALA B 409 -8.18 -13.43 -14.79
C ALA B 409 -7.59 -12.09 -15.21
N GLY B 410 -6.88 -11.46 -14.29
CA GLY B 410 -6.26 -10.17 -14.52
C GLY B 410 -4.98 -10.40 -15.33
N ILE B 411 -4.99 -9.87 -16.56
CA ILE B 411 -3.91 -10.04 -17.54
C ILE B 411 -2.99 -8.82 -17.45
N ILE B 412 -1.72 -9.06 -17.17
CA ILE B 412 -0.73 -7.99 -17.26
C ILE B 412 0.40 -8.40 -18.24
N ALA B 413 1.35 -7.52 -18.50
CA ALA B 413 2.47 -7.84 -19.41
C ALA B 413 3.09 -9.23 -19.17
N GLN B 414 3.24 -9.61 -17.89
CA GLN B 414 3.86 -10.88 -17.46
C GLN B 414 3.00 -12.14 -17.59
N SER B 415 1.72 -11.97 -17.95
CA SER B 415 0.79 -13.11 -17.98
C SER B 415 1.16 -14.12 -19.05
N THR B 416 0.93 -15.41 -18.76
CA THR B 416 0.99 -16.48 -19.76
C THR B 416 -0.41 -17.07 -19.94
N PRO B 417 -0.84 -17.29 -21.19
CA PRO B 417 -2.14 -17.89 -21.47
C PRO B 417 -2.45 -19.23 -20.76
N GLU B 418 -1.46 -20.09 -20.58
CA GLU B 418 -1.63 -21.37 -19.88
C GLU B 418 -1.95 -21.24 -18.39
N ARG B 419 -1.15 -20.43 -17.69
CA ARG B 419 -1.39 -20.09 -16.30
C ARG B 419 -2.75 -19.43 -16.10
N GLU B 420 -3.08 -18.44 -16.93
CA GLU B 420 -4.32 -17.70 -16.79
C GLU B 420 -5.58 -18.56 -17.06
N LEU B 421 -5.49 -19.53 -17.97
CA LEU B 421 -6.55 -20.53 -18.14
C LEU B 421 -6.66 -21.38 -16.89
N THR B 422 -5.53 -21.85 -16.38
CA THR B 422 -5.53 -22.63 -15.13
C THR B 422 -6.15 -21.84 -13.96
N GLU B 423 -5.80 -20.56 -13.87
CA GLU B 423 -6.38 -19.67 -12.87
C GLU B 423 -7.93 -19.58 -12.99
N THR B 424 -8.47 -19.31 -14.17
CA THR B 424 -9.93 -19.34 -14.34
C THR B 424 -10.55 -20.65 -13.80
N ARG B 425 -9.88 -21.78 -14.02
CA ARG B 425 -10.38 -23.06 -13.50
C ARG B 425 -10.26 -23.23 -12.02
N GLU B 426 -9.19 -22.70 -11.39
CA GLU B 426 -9.10 -22.73 -9.92
C GLU B 426 -10.31 -22.00 -9.30
N LYS B 427 -10.64 -20.85 -9.87
CA LYS B 427 -11.77 -19.97 -9.47
C LYS B 427 -13.14 -20.60 -9.77
N LEU B 428 -13.32 -21.14 -10.98
CA LEU B 428 -14.54 -21.89 -11.33
C LEU B 428 -14.86 -23.05 -10.35
N ALA B 429 -13.83 -23.60 -9.73
CA ALA B 429 -13.98 -24.70 -8.76
C ALA B 429 -14.64 -24.26 -7.45
N SER B 430 -14.80 -22.95 -7.24
CA SER B 430 -15.61 -22.53 -6.07
C SER B 430 -17.14 -22.62 -6.34
N ILE B 431 -17.55 -22.84 -7.58
CA ILE B 431 -18.97 -22.88 -7.96
C ILE B 431 -19.37 -24.11 -8.80
N ALA B 432 -18.58 -24.42 -9.84
CA ALA B 432 -18.83 -25.55 -10.76
C ALA B 432 -19.20 -26.91 -10.13
N PRO B 433 -18.44 -27.37 -9.11
CA PRO B 433 -18.67 -28.62 -8.38
C PRO B 433 -19.95 -28.69 -7.51
N TYR B 434 -20.65 -27.57 -7.40
CA TYR B 434 -21.71 -27.41 -6.42
C TYR B 434 -23.00 -27.05 -7.06
N LEU B 435 -23.01 -27.08 -8.40
CA LEU B 435 -24.20 -26.80 -9.15
C LEU B 435 -25.11 -28.01 -9.10
N MET B 436 -26.34 -27.82 -8.63
CA MET B 436 -27.28 -28.90 -8.40
C MET B 436 -28.46 -28.76 -9.32
N VAL B 437 -28.98 -29.93 -9.73
CA VAL B 437 -30.18 -29.98 -10.55
C VAL B 437 -31.29 -30.68 -9.79
MG MG C . 16.94 -0.84 -5.40
C PYR D . 22.05 4.23 -0.95
O PYR D . 23.23 3.97 -0.43
OXT PYR D . 21.83 5.41 -1.44
CA PYR D . 21.01 3.30 -0.99
O3 PYR D . 19.98 3.56 -1.73
CB PYR D . 21.02 2.02 -0.22
C1' SAL E . 16.79 0.96 -3.58
O1' SAL E . 17.60 -0.01 -3.44
O2' SAL E . 16.00 0.97 -4.55
C1 SAL E . 16.78 2.10 -2.61
C2 SAL E . 17.38 1.88 -1.25
C3 SAL E . 17.40 2.92 -0.31
C4 SAL E . 16.85 4.17 -0.65
C5 SAL E . 16.30 4.37 -1.93
C6 SAL E . 16.25 3.34 -2.89
O2 SAL E . 17.90 0.66 -0.98
MG MG F . -4.77 -13.21 -11.29
C PYR G . -13.25 -14.16 -11.42
O PYR G . -13.93 -14.10 -12.53
OXT PYR G . -13.61 -14.98 -10.48
CA PYR G . -12.16 -13.31 -11.29
O3 PYR G . -11.35 -13.47 -10.29
CB PYR G . -11.86 -12.25 -12.30
C1' SAL H . -6.89 -12.29 -10.13
O1' SAL H . -6.80 -12.12 -11.41
O2' SAL H . -5.99 -12.85 -9.47
C1 SAL H . -8.11 -11.87 -9.37
C2 SAL H . -9.10 -11.00 -9.99
C3 SAL H . -10.26 -10.62 -9.32
C4 SAL H . -10.48 -11.07 -8.04
C5 SAL H . -9.53 -11.90 -7.44
C6 SAL H . -8.37 -12.31 -8.08
O2 SAL H . -8.85 -10.56 -11.23
#